data_7YVX
# 
_entry.id   7YVX 
# 
_audit_conform.dict_name       mmcif_pdbx.dic 
_audit_conform.dict_version    5.392 
_audit_conform.dict_location   http://mmcif.pdb.org/dictionaries/ascii/mmcif_pdbx.dic 
# 
loop_
_database_2.database_id 
_database_2.database_code 
_database_2.pdbx_database_accession 
_database_2.pdbx_DOI 
PDB   7YVX         pdb_00007yvx 10.2210/pdb7yvx/pdb 
WWPDB D_1300031738 ?            ?                   
# 
loop_
_pdbx_audit_revision_history.ordinal 
_pdbx_audit_revision_history.data_content_type 
_pdbx_audit_revision_history.major_revision 
_pdbx_audit_revision_history.minor_revision 
_pdbx_audit_revision_history.revision_date 
1 'Structure model' 1 0 2022-10-12 
2 'Structure model' 1 1 2024-05-29 
# 
_pdbx_audit_revision_details.ordinal             1 
_pdbx_audit_revision_details.revision_ordinal    1 
_pdbx_audit_revision_details.data_content_type   'Structure model' 
_pdbx_audit_revision_details.provider            repository 
_pdbx_audit_revision_details.type                'Initial release' 
_pdbx_audit_revision_details.description         ? 
_pdbx_audit_revision_details.details             ? 
# 
_pdbx_audit_revision_group.ordinal             1 
_pdbx_audit_revision_group.revision_ordinal    2 
_pdbx_audit_revision_group.data_content_type   'Structure model' 
_pdbx_audit_revision_group.group               'Data collection' 
# 
loop_
_pdbx_audit_revision_category.ordinal 
_pdbx_audit_revision_category.revision_ordinal 
_pdbx_audit_revision_category.data_content_type 
_pdbx_audit_revision_category.category 
1 2 'Structure model' chem_comp_atom 
2 2 'Structure model' chem_comp_bond 
# 
_pdbx_database_status.status_code                     REL 
_pdbx_database_status.status_code_sf                  REL 
_pdbx_database_status.status_code_mr                  ? 
_pdbx_database_status.entry_id                        7YVX 
_pdbx_database_status.recvd_initial_deposition_date   2022-08-19 
_pdbx_database_status.SG_entry                        N 
_pdbx_database_status.deposit_site                    PDBJ 
_pdbx_database_status.process_site                    PDBJ 
_pdbx_database_status.status_code_cs                  ? 
_pdbx_database_status.status_code_nmr_data            ? 
_pdbx_database_status.methods_development_category    ? 
_pdbx_database_status.pdb_format_compatible           Y 
# 
_pdbx_contact_author.id                 2 
_pdbx_contact_author.email              j.kondo@sophia.ac.jp 
_pdbx_contact_author.name_first         Jiro 
_pdbx_contact_author.name_last          Kondo 
_pdbx_contact_author.name_mi            ? 
_pdbx_contact_author.role               'principal investigator/group leader' 
_pdbx_contact_author.identifier_ORCID   0000-0002-5682-3685 
# 
_audit_author.name               'Kondo, J.' 
_audit_author.pdbx_ordinal       1 
_audit_author.identifier_ORCID   0000-0002-5682-3685 
# 
_citation.abstract                  ? 
_citation.abstract_id_CAS           ? 
_citation.book_id_ISBN              ? 
_citation.book_publisher            ? 
_citation.book_publisher_city       ? 
_citation.book_title                ? 
_citation.coordinate_linkage        ? 
_citation.country                   ? 
_citation.database_id_Medline       ? 
_citation.details                   ? 
_citation.id                        primary 
_citation.journal_abbrev            'To Be Published' 
_citation.journal_id_ASTM           ? 
_citation.journal_id_CSD            0353 
_citation.journal_id_ISSN           ? 
_citation.journal_full              ? 
_citation.journal_issue             ? 
_citation.journal_volume            ? 
_citation.language                  ? 
_citation.page_first                ? 
_citation.page_last                 ? 
_citation.title                     'Left-handed DNA duplex containing consecutive G-G base pairs' 
_citation.year                      ? 
_citation.database_id_CSD           ? 
_citation.pdbx_database_id_DOI      ? 
_citation.pdbx_database_id_PubMed   ? 
_citation.pdbx_database_id_patent   ? 
_citation.unpublished_flag          ? 
# 
_citation_author.citation_id        primary 
_citation_author.name               'Kondo, J.' 
_citation_author.ordinal            1 
_citation_author.identifier_ORCID   0000-0002-5682-3685 
# 
loop_
_entity.id 
_entity.type 
_entity.src_method 
_entity.pdbx_description 
_entity.formula_weight 
_entity.pdbx_number_of_molecules 
_entity.pdbx_ec 
_entity.pdbx_mutation 
_entity.pdbx_fragment 
_entity.details 
1 polymer     syn 
;DNA (5'-D(*CP*GP*(CBR)P*GP*GP*GP*CP*GP*CP*G)-3')
;
3165.900 1 ? ? ? ? 
2 non-polymer syn 'COBALT (II) ION'                                  58.933   3 ? ? ? ? 
# 
_entity_poly.entity_id                      1 
_entity_poly.type                           polydeoxyribonucleotide 
_entity_poly.nstd_linkage                   no 
_entity_poly.nstd_monomer                   yes 
_entity_poly.pdbx_seq_one_letter_code       '(DC)(DG)(CBR)(DG)(DG)(DG)(DC)(DG)(DC)(DG)' 
_entity_poly.pdbx_seq_one_letter_code_can   CGCGGGCGCG 
_entity_poly.pdbx_strand_id                 A 
_entity_poly.pdbx_target_identifier         ? 
# 
_pdbx_entity_nonpoly.entity_id   2 
_pdbx_entity_nonpoly.name        'COBALT (II) ION' 
_pdbx_entity_nonpoly.comp_id     CO 
# 
loop_
_entity_poly_seq.entity_id 
_entity_poly_seq.num 
_entity_poly_seq.mon_id 
_entity_poly_seq.hetero 
1 1  DC  n 
1 2  DG  n 
1 3  CBR n 
1 4  DG  n 
1 5  DG  n 
1 6  DG  n 
1 7  DC  n 
1 8  DG  n 
1 9  DC  n 
1 10 DG  n 
# 
_pdbx_entity_src_syn.entity_id              1 
_pdbx_entity_src_syn.pdbx_src_id            1 
_pdbx_entity_src_syn.pdbx_alt_source_flag   sample 
_pdbx_entity_src_syn.pdbx_beg_seq_num       1 
_pdbx_entity_src_syn.pdbx_end_seq_num       10 
_pdbx_entity_src_syn.organism_scientific    'synthetic construct' 
_pdbx_entity_src_syn.organism_common_name   ? 
_pdbx_entity_src_syn.ncbi_taxonomy_id       32630 
_pdbx_entity_src_syn.details                ? 
# 
loop_
_chem_comp.id 
_chem_comp.type 
_chem_comp.mon_nstd_flag 
_chem_comp.name 
_chem_comp.pdbx_synonyms 
_chem_comp.formula 
_chem_comp.formula_weight 
CBR 'DNA linking' n "5-BROMO-2'-DEOXY-CYTIDINE-5'-MONOPHOSPHATE" ? 'C9 H13 Br N3 O7 P' 386.093 
CO  non-polymer   . 'COBALT (II) ION'                            ? 'Co 2'              58.933  
DC  'DNA linking' y "2'-DEOXYCYTIDINE-5'-MONOPHOSPHATE"          ? 'C9 H14 N3 O7 P'    307.197 
DG  'DNA linking' y "2'-DEOXYGUANOSINE-5'-MONOPHOSPHATE"         ? 'C10 H14 N5 O7 P'   347.221 
# 
loop_
_pdbx_poly_seq_scheme.asym_id 
_pdbx_poly_seq_scheme.entity_id 
_pdbx_poly_seq_scheme.seq_id 
_pdbx_poly_seq_scheme.mon_id 
_pdbx_poly_seq_scheme.ndb_seq_num 
_pdbx_poly_seq_scheme.pdb_seq_num 
_pdbx_poly_seq_scheme.auth_seq_num 
_pdbx_poly_seq_scheme.pdb_mon_id 
_pdbx_poly_seq_scheme.auth_mon_id 
_pdbx_poly_seq_scheme.pdb_strand_id 
_pdbx_poly_seq_scheme.pdb_ins_code 
_pdbx_poly_seq_scheme.hetero 
A 1 1  DC  1  1  1  DC  DC  A . n 
A 1 2  DG  2  2  2  DG  DG  A . n 
A 1 3  CBR 3  3  3  CBR CBR A . n 
A 1 4  DG  4  4  4  DG  DG  A . n 
A 1 5  DG  5  5  5  DG  DG  A . n 
A 1 6  DG  6  6  6  DG  DG  A . n 
A 1 7  DC  7  7  7  DC  DC  A . n 
A 1 8  DG  8  8  8  DG  DG  A . n 
A 1 9  DC  9  9  9  DC  DC  A . n 
A 1 10 DG  10 10 10 DG  DG  A . n 
# 
loop_
_pdbx_nonpoly_scheme.asym_id 
_pdbx_nonpoly_scheme.entity_id 
_pdbx_nonpoly_scheme.mon_id 
_pdbx_nonpoly_scheme.ndb_seq_num 
_pdbx_nonpoly_scheme.pdb_seq_num 
_pdbx_nonpoly_scheme.auth_seq_num 
_pdbx_nonpoly_scheme.pdb_mon_id 
_pdbx_nonpoly_scheme.auth_mon_id 
_pdbx_nonpoly_scheme.pdb_strand_id 
_pdbx_nonpoly_scheme.pdb_ins_code 
B 2 CO 1 101 1 CO CO A . 
C 2 CO 1 102 2 CO CO A . 
D 2 CO 1 103 3 CO CO A . 
# 
loop_
_software.citation_id 
_software.classification 
_software.compiler_name 
_software.compiler_version 
_software.contact_author 
_software.contact_author_email 
_software.date 
_software.description 
_software.dependencies 
_software.hardware 
_software.language 
_software.location 
_software.mods 
_software.name 
_software.os 
_software.os_version 
_software.type 
_software.version 
_software.pdbx_ordinal 
? 'data scaling'    ? ? ? ? ? ? ? ? ? ? ? XSCALE      ? ? ? .      1 
? refinement        ? ? ? ? ? ? ? ? ? ? ? PHENIX      ? ? ? 1.17.1 2 
? 'data extraction' ? ? ? ? ? ? ? ? ? ? ? PDB_EXTRACT ? ? ? 3.27   3 
? 'data reduction'  ? ? ? ? ? ? ? ? ? ? ? XDS         ? ? ? .      4 
? phasing           ? ? ? ? ? ? ? ? ? ? ? PHASER      ? ? ? .      5 
# 
_cell.angle_alpha                  90.000 
_cell.angle_alpha_esd              ? 
_cell.angle_beta                   90.000 
_cell.angle_beta_esd               ? 
_cell.angle_gamma                  120.000 
_cell.angle_gamma_esd              ? 
_cell.entry_id                     7YVX 
_cell.details                      ? 
_cell.formula_units_Z              ? 
_cell.length_a                     43.375 
_cell.length_a_esd                 ? 
_cell.length_b                     43.375 
_cell.length_b_esd                 ? 
_cell.length_c                     71.998 
_cell.length_c_esd                 ? 
_cell.volume                       ? 
_cell.volume_esd                   ? 
_cell.Z_PDB                        12 
_cell.reciprocal_angle_alpha       ? 
_cell.reciprocal_angle_beta        ? 
_cell.reciprocal_angle_gamma       ? 
_cell.reciprocal_angle_alpha_esd   ? 
_cell.reciprocal_angle_beta_esd    ? 
_cell.reciprocal_angle_gamma_esd   ? 
_cell.reciprocal_length_a          ? 
_cell.reciprocal_length_b          ? 
_cell.reciprocal_length_c          ? 
_cell.reciprocal_length_a_esd      ? 
_cell.reciprocal_length_b_esd      ? 
_cell.reciprocal_length_c_esd      ? 
_cell.pdbx_unique_axis             ? 
_cell.pdbx_esd_method              ? 
# 
_symmetry.entry_id                         7YVX 
_symmetry.cell_setting                     ? 
_symmetry.Int_Tables_number                181 
_symmetry.space_group_name_Hall            ? 
_symmetry.space_group_name_H-M             'P 64 2 2' 
_symmetry.pdbx_full_space_group_name_H-M   ? 
# 
_exptl.absorpt_coefficient_mu     ? 
_exptl.absorpt_correction_T_max   ? 
_exptl.absorpt_correction_T_min   ? 
_exptl.absorpt_correction_type    ? 
_exptl.absorpt_process_details    ? 
_exptl.entry_id                   7YVX 
_exptl.crystals_number            1 
_exptl.details                    ? 
_exptl.method                     'X-RAY DIFFRACTION' 
_exptl.method_details             ? 
# 
_exptl_crystal.colour                       ? 
_exptl_crystal.density_diffrn               ? 
_exptl_crystal.density_Matthews             3.09 
_exptl_crystal.density_method               ? 
_exptl_crystal.density_percent_sol          60.17 
_exptl_crystal.description                  ? 
_exptl_crystal.F_000                        ? 
_exptl_crystal.id                           1 
_exptl_crystal.preparation                  ? 
_exptl_crystal.size_max                     ? 
_exptl_crystal.size_mid                     ? 
_exptl_crystal.size_min                     ? 
_exptl_crystal.size_rad                     ? 
_exptl_crystal.colour_lustre                ? 
_exptl_crystal.colour_modifier              ? 
_exptl_crystal.colour_primary               ? 
_exptl_crystal.density_meas                 ? 
_exptl_crystal.density_meas_esd             ? 
_exptl_crystal.density_meas_gt              ? 
_exptl_crystal.density_meas_lt              ? 
_exptl_crystal.density_meas_temp            ? 
_exptl_crystal.density_meas_temp_esd        ? 
_exptl_crystal.density_meas_temp_gt         ? 
_exptl_crystal.density_meas_temp_lt         ? 
_exptl_crystal.pdbx_crystal_image_url       ? 
_exptl_crystal.pdbx_crystal_image_format    ? 
_exptl_crystal.pdbx_mosaicity               ? 
_exptl_crystal.pdbx_mosaicity_esd           ? 
_exptl_crystal.pdbx_mosaic_method           ? 
_exptl_crystal.pdbx_mosaic_block_size       ? 
_exptl_crystal.pdbx_mosaic_block_size_esd   ? 
# 
_exptl_crystal_grow.apparatus       ? 
_exptl_crystal_grow.atmosphere      ? 
_exptl_crystal_grow.crystal_id      1 
_exptl_crystal_grow.details         ? 
_exptl_crystal_grow.method          'VAPOR DIFFUSION, HANGING DROP' 
_exptl_crystal_grow.method_ref      ? 
_exptl_crystal_grow.pH              ? 
_exptl_crystal_grow.pressure        ? 
_exptl_crystal_grow.pressure_esd    ? 
_exptl_crystal_grow.seeding         ? 
_exptl_crystal_grow.seeding_ref     ? 
_exptl_crystal_grow.temp            293 
_exptl_crystal_grow.temp_details    ? 
_exptl_crystal_grow.temp_esd        ? 
_exptl_crystal_grow.time            ? 
_exptl_crystal_grow.pdbx_details    'MPD, sodium chloride, hexammine cobalt chloride, sodium cacodylate' 
_exptl_crystal_grow.pdbx_pH_range   ? 
# 
_diffrn.ambient_environment              ? 
_diffrn.ambient_temp                     100 
_diffrn.ambient_temp_details             ? 
_diffrn.ambient_temp_esd                 ? 
_diffrn.crystal_id                       1 
_diffrn.crystal_support                  ? 
_diffrn.crystal_treatment                ? 
_diffrn.details                          ? 
_diffrn.id                               1 
_diffrn.ambient_pressure                 ? 
_diffrn.ambient_pressure_esd             ? 
_diffrn.ambient_pressure_gt              ? 
_diffrn.ambient_pressure_lt              ? 
_diffrn.ambient_temp_gt                  ? 
_diffrn.ambient_temp_lt                  ? 
_diffrn.pdbx_serial_crystal_experiment   N 
# 
_diffrn_detector.details                      ? 
_diffrn_detector.detector                     PIXEL 
_diffrn_detector.diffrn_id                    1 
_diffrn_detector.type                         'DECTRIS EIGER X 16M' 
_diffrn_detector.area_resol_mean              ? 
_diffrn_detector.dtime                        ? 
_diffrn_detector.pdbx_frames_total            ? 
_diffrn_detector.pdbx_collection_time_total   ? 
_diffrn_detector.pdbx_collection_date         2021-12-21 
_diffrn_detector.pdbx_frequency               ? 
# 
_diffrn_radiation.collimation                      ? 
_diffrn_radiation.diffrn_id                        1 
_diffrn_radiation.filter_edge                      ? 
_diffrn_radiation.inhomogeneity                    ? 
_diffrn_radiation.monochromator                    ? 
_diffrn_radiation.polarisn_norm                    ? 
_diffrn_radiation.polarisn_ratio                   ? 
_diffrn_radiation.probe                            ? 
_diffrn_radiation.type                             ? 
_diffrn_radiation.xray_symbol                      ? 
_diffrn_radiation.wavelength_id                    1 
_diffrn_radiation.pdbx_monochromatic_or_laue_m_l   M 
_diffrn_radiation.pdbx_wavelength_list             ? 
_diffrn_radiation.pdbx_wavelength                  ? 
_diffrn_radiation.pdbx_diffrn_protocol             'SINGLE WAVELENGTH' 
_diffrn_radiation.pdbx_analyzer                    ? 
_diffrn_radiation.pdbx_scattering_type             x-ray 
# 
_diffrn_radiation_wavelength.id           1 
_diffrn_radiation_wavelength.wavelength   1.605 
_diffrn_radiation_wavelength.wt           1.0 
# 
_diffrn_source.current                     ? 
_diffrn_source.details                     ? 
_diffrn_source.diffrn_id                   1 
_diffrn_source.power                       ? 
_diffrn_source.size                        ? 
_diffrn_source.source                      SYNCHROTRON 
_diffrn_source.target                      ? 
_diffrn_source.type                        'PHOTON FACTORY BEAMLINE BL-17A' 
_diffrn_source.voltage                     ? 
_diffrn_source.take-off_angle              ? 
_diffrn_source.pdbx_wavelength_list        1.605 
_diffrn_source.pdbx_wavelength             ? 
_diffrn_source.pdbx_synchrotron_beamline   BL-17A 
_diffrn_source.pdbx_synchrotron_site       'Photon Factory' 
# 
_reflns.B_iso_Wilson_estimate                          54.539 
_reflns.entry_id                                       7YVX 
_reflns.data_reduction_details                         ? 
_reflns.data_reduction_method                          ? 
_reflns.d_resolution_high                              2.99 
_reflns.d_resolution_low                               37.560 
_reflns.details                                        ? 
_reflns.limit_h_max                                    ? 
_reflns.limit_h_min                                    ? 
_reflns.limit_k_max                                    ? 
_reflns.limit_k_min                                    ? 
_reflns.limit_l_max                                    ? 
_reflns.limit_l_min                                    ? 
_reflns.number_all                                     ? 
_reflns.number_obs                                     1553 
_reflns.observed_criterion                             ? 
_reflns.observed_criterion_F_max                       ? 
_reflns.observed_criterion_F_min                       ? 
_reflns.observed_criterion_I_max                       ? 
_reflns.observed_criterion_I_min                       ? 
_reflns.observed_criterion_sigma_F                     ? 
_reflns.observed_criterion_sigma_I                     ? 
_reflns.percent_possible_obs                           99.700 
_reflns.R_free_details                                 ? 
_reflns.Rmerge_F_all                                   ? 
_reflns.Rmerge_F_obs                                   ? 
_reflns.Friedel_coverage                               ? 
_reflns.number_gt                                      ? 
_reflns.threshold_expression                           ? 
_reflns.pdbx_redundancy                                10.003 
_reflns.pdbx_Rmerge_I_obs                              0.101 
_reflns.pdbx_Rmerge_I_all                              ? 
_reflns.pdbx_Rsym_value                                ? 
_reflns.pdbx_netI_over_av_sigmaI                       ? 
_reflns.pdbx_netI_over_sigmaI                          18.640 
_reflns.pdbx_res_netI_over_av_sigmaI_2                 ? 
_reflns.pdbx_res_netI_over_sigmaI_2                    ? 
_reflns.pdbx_chi_squared                               1.163 
_reflns.pdbx_scaling_rejects                           ? 
_reflns.pdbx_d_res_high_opt                            ? 
_reflns.pdbx_d_res_low_opt                             ? 
_reflns.pdbx_d_res_opt_method                          ? 
_reflns.phase_calculation_details                      ? 
_reflns.pdbx_Rrim_I_all                                0.106 
_reflns.pdbx_Rpim_I_all                                ? 
_reflns.pdbx_d_opt                                     ? 
_reflns.pdbx_number_measured_all                       ? 
_reflns.pdbx_diffrn_id                                 1 
_reflns.pdbx_ordinal                                   1 
_reflns.pdbx_CC_half                                   0.998 
_reflns.pdbx_CC_star                                   ? 
_reflns.pdbx_R_split                                   ? 
_reflns.pdbx_aniso_diffraction_limit_axis_1_ortho[1]   ? 
_reflns.pdbx_aniso_diffraction_limit_axis_1_ortho[2]   ? 
_reflns.pdbx_aniso_diffraction_limit_axis_1_ortho[3]   ? 
_reflns.pdbx_aniso_diffraction_limit_axis_2_ortho[1]   ? 
_reflns.pdbx_aniso_diffraction_limit_axis_2_ortho[2]   ? 
_reflns.pdbx_aniso_diffraction_limit_axis_2_ortho[3]   ? 
_reflns.pdbx_aniso_diffraction_limit_axis_3_ortho[1]   ? 
_reflns.pdbx_aniso_diffraction_limit_axis_3_ortho[2]   ? 
_reflns.pdbx_aniso_diffraction_limit_axis_3_ortho[3]   ? 
_reflns.pdbx_aniso_diffraction_limit_1                 ? 
_reflns.pdbx_aniso_diffraction_limit_2                 ? 
_reflns.pdbx_aniso_diffraction_limit_3                 ? 
_reflns.pdbx_aniso_B_tensor_eigenvector_1_ortho[1]     ? 
_reflns.pdbx_aniso_B_tensor_eigenvector_1_ortho[2]     ? 
_reflns.pdbx_aniso_B_tensor_eigenvector_1_ortho[3]     ? 
_reflns.pdbx_aniso_B_tensor_eigenvector_2_ortho[1]     ? 
_reflns.pdbx_aniso_B_tensor_eigenvector_2_ortho[2]     ? 
_reflns.pdbx_aniso_B_tensor_eigenvector_2_ortho[3]     ? 
_reflns.pdbx_aniso_B_tensor_eigenvector_3_ortho[1]     ? 
_reflns.pdbx_aniso_B_tensor_eigenvector_3_ortho[2]     ? 
_reflns.pdbx_aniso_B_tensor_eigenvector_3_ortho[3]     ? 
_reflns.pdbx_aniso_B_tensor_eigenvalue_1               ? 
_reflns.pdbx_aniso_B_tensor_eigenvalue_2               ? 
_reflns.pdbx_aniso_B_tensor_eigenvalue_3               ? 
_reflns.pdbx_orthogonalization_convention              ? 
_reflns.pdbx_percent_possible_ellipsoidal              ? 
_reflns.pdbx_percent_possible_spherical                ? 
_reflns.pdbx_percent_possible_ellipsoidal_anomalous    ? 
_reflns.pdbx_percent_possible_spherical_anomalous      ? 
_reflns.pdbx_redundancy_anomalous                      ? 
_reflns.pdbx_CC_half_anomalous                         ? 
_reflns.pdbx_absDiff_over_sigma_anomalous              ? 
_reflns.pdbx_percent_possible_anomalous                ? 
_reflns.pdbx_observed_signal_threshold                 ? 
_reflns.pdbx_signal_type                               ? 
_reflns.pdbx_signal_details                            ? 
_reflns.pdbx_signal_software_id                        ? 
_reflns.pdbx_CC_split_method                           ? 
# 
loop_
_reflns_shell.d_res_high 
_reflns_shell.d_res_low 
_reflns_shell.meanI_over_sigI_all 
_reflns_shell.meanI_over_sigI_obs 
_reflns_shell.number_measured_all 
_reflns_shell.number_measured_obs 
_reflns_shell.number_possible 
_reflns_shell.number_unique_all 
_reflns_shell.number_unique_obs 
_reflns_shell.percent_possible_all 
_reflns_shell.percent_possible_obs 
_reflns_shell.Rmerge_F_all 
_reflns_shell.Rmerge_F_obs 
_reflns_shell.Rmerge_I_all 
_reflns_shell.Rmerge_I_obs 
_reflns_shell.meanI_over_sigI_gt 
_reflns_shell.meanI_over_uI_all 
_reflns_shell.meanI_over_uI_gt 
_reflns_shell.number_measured_gt 
_reflns_shell.number_unique_gt 
_reflns_shell.percent_possible_gt 
_reflns_shell.Rmerge_F_gt 
_reflns_shell.Rmerge_I_gt 
_reflns_shell.pdbx_redundancy 
_reflns_shell.pdbx_Rsym_value 
_reflns_shell.pdbx_chi_squared 
_reflns_shell.pdbx_netI_over_sigmaI_all 
_reflns_shell.pdbx_netI_over_sigmaI_obs 
_reflns_shell.pdbx_Rrim_I_all 
_reflns_shell.pdbx_Rpim_I_all 
_reflns_shell.pdbx_rejects 
_reflns_shell.pdbx_ordinal 
_reflns_shell.pdbx_diffrn_id 
_reflns_shell.pdbx_CC_half 
_reflns_shell.pdbx_CC_star 
_reflns_shell.pdbx_R_split 
_reflns_shell.pdbx_percent_possible_ellipsoidal 
_reflns_shell.pdbx_percent_possible_spherical 
_reflns_shell.pdbx_percent_possible_ellipsoidal_anomalous 
_reflns_shell.pdbx_percent_possible_spherical_anomalous 
_reflns_shell.pdbx_redundancy_anomalous 
_reflns_shell.pdbx_CC_half_anomalous 
_reflns_shell.pdbx_absDiff_over_sigma_anomalous 
_reflns_shell.pdbx_percent_possible_anomalous 
3.000 3.160  ? 9.820  ? 2334 227 ? 227 100.000 ? ? ? ? 0.318 ? ? ? ? ? ? ? ? 10.282 ? ? ? ? 0.335 ? ? 1  1 0.988 ? ? ? ? ? ? ? ? ? 
? 
3.160 3.350  ? 12.360 ? 2286 217 ? 217 100.000 ? ? ? ? 0.197 ? ? ? ? ? ? ? ? 10.535 ? ? ? ? 0.207 ? ? 2  1 0.997 ? ? ? ? ? ? ? ? ? 
? 
3.350 3.580  ? 17.150 ? 2003 198 ? 198 100.000 ? ? ? ? 0.129 ? ? ? ? ? ? ? ? 10.116 ? ? ? ? 0.136 ? ? 3  1 0.997 ? ? ? ? ? ? ? ? ? 
? 
3.580 3.870  ? 18.060 ? 1714 183 ? 183 100.000 ? ? ? ? 0.107 ? ? ? ? ? ? ? ? 9.366  ? ? ? ? 0.114 ? ? 4  1 0.995 ? ? ? ? ? ? ? ? ? 
? 
3.870 4.240  ? 20.090 ? 1495 174 ? 174 100.000 ? ? ? ? 0.099 ? ? ? ? ? ? ? ? 8.592  ? ? ? ? 0.105 ? ? 5  1 0.995 ? ? ? ? ? ? ? ? ? 
? 
4.240 4.740  ? 22.360 ? 1699 157 ? 157 100.000 ? ? ? ? 0.110 ? ? ? ? ? ? ? ? 10.822 ? ? ? ? 0.116 ? ? 6  1 0.995 ? ? ? ? ? ? ? ? ? 
? 
4.740 5.470  ? 24.610 ? 1449 136 ? 135 99.300  ? ? ? ? 0.095 ? ? ? ? ? ? ? ? 10.733 ? ? ? ? 0.100 ? ? 7  1 0.995 ? ? ? ? ? ? ? ? ? 
? 
5.470 6.700  ? 27.040 ? 1156 113 ? 113 100.000 ? ? ? ? 0.086 ? ? ? ? ? ? ? ? 10.230 ? ? ? ? 0.090 ? ? 8  1 0.999 ? ? ? ? ? ? ? ? ? 
? 
6.700 9.470  ? 27.280 ? 949  96  ? 95  99.000  ? ? ? ? 0.079 ? ? ? ? ? ? ? ? 9.989  ? ? ? ? 0.083 ? ? 9  1 0.998 ? ? ? ? ? ? ? ? ? 
? 
9.470 37.560 ? 25.160 ? 450  56  ? 54  96.400  ? ? ? ? 0.060 ? ? ? ? ? ? ? ? 8.333  ? ? ? ? 0.064 ? ? 10 1 0.998 ? ? ? ? ? ? ? ? ? 
? 
# 
_refine.aniso_B[1][1]                            ? 
_refine.aniso_B[1][2]                            ? 
_refine.aniso_B[1][3]                            ? 
_refine.aniso_B[2][2]                            ? 
_refine.aniso_B[2][3]                            ? 
_refine.aniso_B[3][3]                            ? 
_refine.B_iso_max                                120.240 
_refine.B_iso_mean                               50.3472 
_refine.B_iso_min                                28.950 
_refine.correlation_coeff_Fo_to_Fc               ? 
_refine.correlation_coeff_Fo_to_Fc_free          ? 
_refine.details                                  ? 
_refine.diff_density_max                         ? 
_refine.diff_density_max_esd                     ? 
_refine.diff_density_min                         ? 
_refine.diff_density_min_esd                     ? 
_refine.diff_density_rms                         ? 
_refine.diff_density_rms_esd                     ? 
_refine.entry_id                                 7YVX 
_refine.pdbx_refine_id                           'X-RAY DIFFRACTION' 
_refine.ls_abs_structure_details                 ? 
_refine.ls_abs_structure_Flack                   ? 
_refine.ls_abs_structure_Flack_esd               ? 
_refine.ls_abs_structure_Rogers                  ? 
_refine.ls_abs_structure_Rogers_esd              ? 
_refine.ls_d_res_high                            2.9900 
_refine.ls_d_res_low                             37.5600 
_refine.ls_extinction_coef                       ? 
_refine.ls_extinction_coef_esd                   ? 
_refine.ls_extinction_expression                 ? 
_refine.ls_extinction_method                     ? 
_refine.ls_goodness_of_fit_all                   ? 
_refine.ls_goodness_of_fit_all_esd               ? 
_refine.ls_goodness_of_fit_obs                   ? 
_refine.ls_goodness_of_fit_obs_esd               ? 
_refine.ls_hydrogen_treatment                    ? 
_refine.ls_matrix_type                           ? 
_refine.ls_number_constraints                    ? 
_refine.ls_number_parameters                     ? 
_refine.ls_number_reflns_all                     ? 
_refine.ls_number_reflns_obs                     1538 
_refine.ls_number_reflns_R_free                  149 
_refine.ls_number_reflns_R_work                  1389 
_refine.ls_number_restraints                     ? 
_refine.ls_percent_reflns_obs                    99.6100 
_refine.ls_percent_reflns_R_free                 9.6900 
_refine.ls_R_factor_all                          ? 
_refine.ls_R_factor_obs                          0.2007 
_refine.ls_R_factor_R_free                       0.2550 
_refine.ls_R_factor_R_free_error                 ? 
_refine.ls_R_factor_R_free_error_details         ? 
_refine.ls_R_factor_R_work                       0.1953 
_refine.ls_R_Fsqd_factor_obs                     ? 
_refine.ls_R_I_factor_obs                        ? 
_refine.ls_redundancy_reflns_all                 ? 
_refine.ls_redundancy_reflns_obs                 ? 
_refine.ls_restrained_S_all                      ? 
_refine.ls_restrained_S_obs                      ? 
_refine.ls_shift_over_esd_max                    ? 
_refine.ls_shift_over_esd_mean                   ? 
_refine.ls_structure_factor_coef                 ? 
_refine.ls_weighting_details                     ? 
_refine.ls_weighting_scheme                      ? 
_refine.ls_wR_factor_all                         ? 
_refine.ls_wR_factor_obs                         ? 
_refine.ls_wR_factor_R_free                      ? 
_refine.ls_wR_factor_R_work                      ? 
_refine.occupancy_max                            ? 
_refine.occupancy_min                            ? 
_refine.solvent_model_details                    'FLAT BULK SOLVENT MODEL' 
_refine.solvent_model_param_bsol                 ? 
_refine.solvent_model_param_ksol                 ? 
_refine.pdbx_R_complete                          ? 
_refine.ls_R_factor_gt                           ? 
_refine.ls_goodness_of_fit_gt                    ? 
_refine.ls_goodness_of_fit_ref                   ? 
_refine.ls_shift_over_su_max                     ? 
_refine.ls_shift_over_su_max_lt                  ? 
_refine.ls_shift_over_su_mean                    ? 
_refine.ls_shift_over_su_mean_lt                 ? 
_refine.pdbx_ls_sigma_I                          ? 
_refine.pdbx_ls_sigma_F                          1.540 
_refine.pdbx_ls_sigma_Fsqd                       ? 
_refine.pdbx_data_cutoff_high_absF               ? 
_refine.pdbx_data_cutoff_high_rms_absF           ? 
_refine.pdbx_data_cutoff_low_absF                ? 
_refine.pdbx_isotropic_thermal_model             ? 
_refine.pdbx_ls_cross_valid_method               THROUGHOUT 
_refine.pdbx_method_to_determine_struct          'MOLECULAR REPLACEMENT' 
_refine.pdbx_starting_model                      ? 
_refine.pdbx_stereochemistry_target_values       ML 
_refine.pdbx_R_Free_selection_details            ? 
_refine.pdbx_stereochem_target_val_spec_case     ? 
_refine.pdbx_overall_ESU_R                       ? 
_refine.pdbx_overall_ESU_R_Free                  ? 
_refine.pdbx_solvent_vdw_probe_radii             1.1100 
_refine.pdbx_solvent_ion_probe_radii             ? 
_refine.pdbx_solvent_shrinkage_radii             0.9000 
_refine.pdbx_real_space_R                        ? 
_refine.pdbx_density_correlation                 ? 
_refine.pdbx_pd_number_of_powder_patterns        ? 
_refine.pdbx_pd_number_of_points                 ? 
_refine.pdbx_pd_meas_number_of_points            ? 
_refine.pdbx_pd_proc_ls_prof_R_factor            ? 
_refine.pdbx_pd_proc_ls_prof_wR_factor           ? 
_refine.pdbx_pd_Marquardt_correlation_coeff      ? 
_refine.pdbx_pd_Fsqrd_R_factor                   ? 
_refine.pdbx_pd_ls_matrix_band_width             ? 
_refine.pdbx_overall_phase_error                 16.9000 
_refine.pdbx_overall_SU_R_free_Cruickshank_DPI   ? 
_refine.pdbx_overall_SU_R_free_Blow_DPI          ? 
_refine.pdbx_overall_SU_R_Blow_DPI               ? 
_refine.pdbx_TLS_residual_ADP_flag               ? 
_refine.pdbx_diffrn_id                           1 
_refine.overall_SU_B                             ? 
_refine.overall_SU_ML                            0.3700 
_refine.overall_SU_R_Cruickshank_DPI             ? 
_refine.overall_SU_R_free                        ? 
_refine.overall_FOM_free_R_set                   ? 
_refine.overall_FOM_work_R_set                   ? 
_refine.pdbx_average_fsc_overall                 ? 
_refine.pdbx_average_fsc_work                    ? 
_refine.pdbx_average_fsc_free                    ? 
# 
_refine_hist.pdbx_refine_id                   'X-RAY DIFFRACTION' 
_refine_hist.cycle_id                         final 
_refine_hist.details                          ? 
_refine_hist.d_res_high                       2.9900 
_refine_hist.d_res_low                        37.5600 
_refine_hist.number_atoms_solvent             0 
_refine_hist.number_atoms_total               209 
_refine_hist.number_reflns_all                ? 
_refine_hist.number_reflns_obs                ? 
_refine_hist.number_reflns_R_free             ? 
_refine_hist.number_reflns_R_work             ? 
_refine_hist.R_factor_all                     ? 
_refine_hist.R_factor_obs                     ? 
_refine_hist.R_factor_R_free                  ? 
_refine_hist.R_factor_R_work                  ? 
_refine_hist.pdbx_number_residues_total       10 
_refine_hist.pdbx_B_iso_mean_ligand           103.14 
_refine_hist.pdbx_B_iso_mean_solvent          ? 
_refine_hist.pdbx_number_atoms_protein        0 
_refine_hist.pdbx_number_atoms_nucleic_acid   206 
_refine_hist.pdbx_number_atoms_ligand         3 
_refine_hist.pdbx_number_atoms_lipid          ? 
_refine_hist.pdbx_number_atoms_carb           ? 
_refine_hist.pdbx_pseudo_atom_details         ? 
# 
_refine_ls_shell.pdbx_refine_id                   'X-RAY DIFFRACTION' 
_refine_ls_shell.d_res_high                       2.9900 
_refine_ls_shell.d_res_low                        3.1600 
_refine_ls_shell.number_reflns_all                1538 
_refine_ls_shell.number_reflns_obs                ? 
_refine_ls_shell.number_reflns_R_free             149 
_refine_ls_shell.number_reflns_R_work             1389 
_refine_ls_shell.percent_reflns_obs               100.0000 
_refine_ls_shell.percent_reflns_R_free            ? 
_refine_ls_shell.R_factor_all                     ? 
_refine_ls_shell.R_factor_obs                     ? 
_refine_ls_shell.R_factor_R_free                  0.2550 
_refine_ls_shell.R_factor_R_free_error            0.0000 
_refine_ls_shell.R_factor_R_work                  0.1953 
_refine_ls_shell.redundancy_reflns_all            ? 
_refine_ls_shell.redundancy_reflns_obs            ? 
_refine_ls_shell.wR_factor_all                    ? 
_refine_ls_shell.wR_factor_obs                    ? 
_refine_ls_shell.wR_factor_R_free                 ? 
_refine_ls_shell.wR_factor_R_work                 ? 
_refine_ls_shell.pdbx_R_complete                  ? 
_refine_ls_shell.pdbx_total_number_of_bins_used   1 
_refine_ls_shell.pdbx_phase_error                 ? 
_refine_ls_shell.pdbx_fsc_work                    ? 
_refine_ls_shell.pdbx_fsc_free                    ? 
# 
_struct.entry_id                     7YVX 
_struct.title                        'Left-handed DNA duplex containing consecutive G-G base pairs' 
_struct.pdbx_model_details           ? 
_struct.pdbx_formula_weight          ? 
_struct.pdbx_formula_weight_method   ? 
_struct.pdbx_model_type_details      ? 
_struct.pdbx_CASP_flag               N 
# 
_struct_keywords.entry_id        7YVX 
_struct_keywords.text            'Z-form, DNA nanotechnology, DNA' 
_struct_keywords.pdbx_keywords   DNA 
# 
loop_
_struct_asym.id 
_struct_asym.pdbx_blank_PDB_chainid_flag 
_struct_asym.pdbx_modified 
_struct_asym.entity_id 
_struct_asym.details 
A N N 1 ? 
B N N 2 ? 
C N N 2 ? 
D N N 2 ? 
# 
_struct_ref.id                         1 
_struct_ref.db_name                    PDB 
_struct_ref.db_code                    7YVX 
_struct_ref.pdbx_db_accession          7YVX 
_struct_ref.pdbx_db_isoform            ? 
_struct_ref.entity_id                  1 
_struct_ref.pdbx_seq_one_letter_code   ? 
_struct_ref.pdbx_align_begin           1 
# 
_struct_ref_seq.align_id                      1 
_struct_ref_seq.ref_id                        1 
_struct_ref_seq.pdbx_PDB_id_code              7YVX 
_struct_ref_seq.pdbx_strand_id                A 
_struct_ref_seq.seq_align_beg                 1 
_struct_ref_seq.pdbx_seq_align_beg_ins_code   ? 
_struct_ref_seq.seq_align_end                 10 
_struct_ref_seq.pdbx_seq_align_end_ins_code   ? 
_struct_ref_seq.pdbx_db_accession             7YVX 
_struct_ref_seq.db_align_beg                  1 
_struct_ref_seq.pdbx_db_align_beg_ins_code    ? 
_struct_ref_seq.db_align_end                  10 
_struct_ref_seq.pdbx_db_align_end_ins_code    ? 
_struct_ref_seq.pdbx_auth_seq_align_beg       1 
_struct_ref_seq.pdbx_auth_seq_align_end       10 
# 
_pdbx_struct_assembly.id                   1 
_pdbx_struct_assembly.details              author_and_software_defined_assembly 
_pdbx_struct_assembly.method_details       PISA 
_pdbx_struct_assembly.oligomeric_details   dimeric 
_pdbx_struct_assembly.oligomeric_count     2 
# 
loop_
_pdbx_struct_assembly_prop.biol_id 
_pdbx_struct_assembly_prop.type 
_pdbx_struct_assembly_prop.value 
_pdbx_struct_assembly_prop.details 
1 'ABSA (A^2)' 2480 ? 
1 MORE         -11  ? 
1 'SSA (A^2)'  3480 ? 
# 
_pdbx_struct_assembly_gen.assembly_id       1 
_pdbx_struct_assembly_gen.oper_expression   1,2 
_pdbx_struct_assembly_gen.asym_id_list      A,B,C,D 
# 
_pdbx_struct_assembly_auth_evidence.id                     1 
_pdbx_struct_assembly_auth_evidence.assembly_id            1 
_pdbx_struct_assembly_auth_evidence.experimental_support   none 
_pdbx_struct_assembly_auth_evidence.details                ? 
# 
loop_
_pdbx_struct_oper_list.id 
_pdbx_struct_oper_list.type 
_pdbx_struct_oper_list.name 
_pdbx_struct_oper_list.symmetry_operation 
_pdbx_struct_oper_list.matrix[1][1] 
_pdbx_struct_oper_list.matrix[1][2] 
_pdbx_struct_oper_list.matrix[1][3] 
_pdbx_struct_oper_list.vector[1] 
_pdbx_struct_oper_list.matrix[2][1] 
_pdbx_struct_oper_list.matrix[2][2] 
_pdbx_struct_oper_list.matrix[2][3] 
_pdbx_struct_oper_list.vector[2] 
_pdbx_struct_oper_list.matrix[3][1] 
_pdbx_struct_oper_list.matrix[3][2] 
_pdbx_struct_oper_list.matrix[3][3] 
_pdbx_struct_oper_list.vector[3] 
1 'identity operation'         1_555 x,y,z     1.0000000000  0.0000000000 0.0000000000  0.0000000000  0.0000000000 1.0000000000 0.0000000000  0.0000000000 0.0000000000  0.0000000000  1.0000000000  0.0000000000  
2 'crystal symmetry operation' 8_555 x-y,-y,-z -0.9967803919 0.0797536979 -0.0082582019 -8.3889890547 0.0797536979 0.9755983418 -0.2045659384 0.1749507823 -0.0082582019 -0.2045659384 -0.9788179498 -1.5810081889 
# 
loop_
_struct_conn.id 
_struct_conn.conn_type_id 
_struct_conn.pdbx_leaving_atom_flag 
_struct_conn.pdbx_PDB_id 
_struct_conn.ptnr1_label_asym_id 
_struct_conn.ptnr1_label_comp_id 
_struct_conn.ptnr1_label_seq_id 
_struct_conn.ptnr1_label_atom_id 
_struct_conn.pdbx_ptnr1_label_alt_id 
_struct_conn.pdbx_ptnr1_PDB_ins_code 
_struct_conn.pdbx_ptnr1_standard_comp_id 
_struct_conn.ptnr1_symmetry 
_struct_conn.ptnr2_label_asym_id 
_struct_conn.ptnr2_label_comp_id 
_struct_conn.ptnr2_label_seq_id 
_struct_conn.ptnr2_label_atom_id 
_struct_conn.pdbx_ptnr2_label_alt_id 
_struct_conn.pdbx_ptnr2_PDB_ins_code 
_struct_conn.ptnr1_auth_asym_id 
_struct_conn.ptnr1_auth_comp_id 
_struct_conn.ptnr1_auth_seq_id 
_struct_conn.ptnr2_auth_asym_id 
_struct_conn.ptnr2_auth_comp_id 
_struct_conn.ptnr2_auth_seq_id 
_struct_conn.ptnr2_symmetry 
_struct_conn.pdbx_ptnr3_label_atom_id 
_struct_conn.pdbx_ptnr3_label_seq_id 
_struct_conn.pdbx_ptnr3_label_comp_id 
_struct_conn.pdbx_ptnr3_label_asym_id 
_struct_conn.pdbx_ptnr3_label_alt_id 
_struct_conn.pdbx_ptnr3_PDB_ins_code 
_struct_conn.details 
_struct_conn.pdbx_dist_value 
_struct_conn.pdbx_value_order 
_struct_conn.pdbx_role 
covale1  covale both ? A DG  2  "O3'" ? ? ? 1_555 A CBR 3  P  ? ? A DG  2  A CBR 3  1_555 ? ? ? ? ? ? ?               1.603 ? ? 
covale2  covale both ? A CBR 3  "O3'" ? ? ? 1_555 A DG  4  P  ? ? A CBR 3  A DG  4  1_555 ? ? ? ? ? ? ?               1.599 ? ? 
hydrog1  hydrog ?    ? A DC  1  N3    ? ? ? 1_555 A DG  10 N1 ? ? A DC  1  A DG  10 8_555 ? ? ? ? ? ? WATSON-CRICK    ?     ? ? 
hydrog2  hydrog ?    ? A DC  1  N4    ? ? ? 1_555 A DG  10 O6 ? ? A DC  1  A DG  10 8_555 ? ? ? ? ? ? WATSON-CRICK    ?     ? ? 
hydrog3  hydrog ?    ? A DC  1  O2    ? ? ? 1_555 A DG  10 N2 ? ? A DC  1  A DG  10 8_555 ? ? ? ? ? ? WATSON-CRICK    ?     ? ? 
hydrog4  hydrog ?    ? A DG  2  N1    ? ? ? 1_555 A DC  9  N3 ? ? A DG  2  A DC  9  8_555 ? ? ? ? ? ? WATSON-CRICK    ?     ? ? 
hydrog5  hydrog ?    ? A DG  2  N2    ? ? ? 1_555 A DC  9  O2 ? ? A DG  2  A DC  9  8_555 ? ? ? ? ? ? WATSON-CRICK    ?     ? ? 
hydrog6  hydrog ?    ? A DG  2  O6    ? ? ? 1_555 A DC  9  N4 ? ? A DG  2  A DC  9  8_555 ? ? ? ? ? ? WATSON-CRICK    ?     ? ? 
hydrog7  hydrog ?    ? A CBR 3  N3    ? ? ? 1_555 A DG  8  N1 ? ? A CBR 3  A DG  8  8_555 ? ? ? ? ? ? WATSON-CRICK    ?     ? ? 
hydrog8  hydrog ?    ? A CBR 3  N4    ? ? ? 1_555 A DG  8  O6 ? ? A CBR 3  A DG  8  8_555 ? ? ? ? ? ? WATSON-CRICK    ?     ? ? 
hydrog9  hydrog ?    ? A CBR 3  O2    ? ? ? 1_555 A DG  8  N2 ? ? A CBR 3  A DG  8  8_555 ? ? ? ? ? ? WATSON-CRICK    ?     ? ? 
hydrog10 hydrog ?    ? A DG  4  N1    ? ? ? 1_555 A DC  7  N3 ? ? A DG  4  A DC  7  8_555 ? ? ? ? ? ? WATSON-CRICK    ?     ? ? 
hydrog11 hydrog ?    ? A DG  4  N2    ? ? ? 1_555 A DC  7  O2 ? ? A DG  4  A DC  7  8_555 ? ? ? ? ? ? WATSON-CRICK    ?     ? ? 
hydrog12 hydrog ?    ? A DG  4  O6    ? ? ? 1_555 A DC  7  N4 ? ? A DG  4  A DC  7  8_555 ? ? ? ? ? ? WATSON-CRICK    ?     ? ? 
hydrog13 hydrog ?    ? A DG  5  O6    ? ? ? 1_555 A DG  6  N1 ? ? A DG  5  A DG  6  8_555 ? ? ? ? ? ? 'DG-DG MISPAIR' ?     ? ? 
hydrog14 hydrog ?    ? A DG  6  N1    ? ? ? 1_555 A DG  5  O6 ? ? A DG  6  A DG  5  8_555 ? ? ? ? ? ? 'DG-DG MISPAIR' ?     ? ? 
hydrog15 hydrog ?    ? A DC  7  N3    ? ? ? 1_555 A DG  4  N1 ? ? A DC  7  A DG  4  8_555 ? ? ? ? ? ? WATSON-CRICK    ?     ? ? 
hydrog16 hydrog ?    ? A DC  7  N4    ? ? ? 1_555 A DG  4  O6 ? ? A DC  7  A DG  4  8_555 ? ? ? ? ? ? WATSON-CRICK    ?     ? ? 
hydrog17 hydrog ?    ? A DC  7  O2    ? ? ? 1_555 A DG  4  N2 ? ? A DC  7  A DG  4  8_555 ? ? ? ? ? ? WATSON-CRICK    ?     ? ? 
hydrog18 hydrog ?    ? A DG  8  N1    ? ? ? 1_555 A CBR 3  N3 ? ? A DG  8  A CBR 3  8_555 ? ? ? ? ? ? WATSON-CRICK    ?     ? ? 
hydrog19 hydrog ?    ? A DG  8  N2    ? ? ? 1_555 A CBR 3  O2 ? ? A DG  8  A CBR 3  8_555 ? ? ? ? ? ? WATSON-CRICK    ?     ? ? 
hydrog20 hydrog ?    ? A DG  8  O6    ? ? ? 1_555 A CBR 3  N4 ? ? A DG  8  A CBR 3  8_555 ? ? ? ? ? ? WATSON-CRICK    ?     ? ? 
hydrog21 hydrog ?    ? A DC  9  N3    ? ? ? 1_555 A DG  2  N1 ? ? A DC  9  A DG  2  8_555 ? ? ? ? ? ? WATSON-CRICK    ?     ? ? 
hydrog22 hydrog ?    ? A DC  9  N4    ? ? ? 1_555 A DG  2  O6 ? ? A DC  9  A DG  2  8_555 ? ? ? ? ? ? WATSON-CRICK    ?     ? ? 
hydrog23 hydrog ?    ? A DC  9  O2    ? ? ? 1_555 A DG  2  N2 ? ? A DC  9  A DG  2  8_555 ? ? ? ? ? ? WATSON-CRICK    ?     ? ? 
hydrog24 hydrog ?    ? A DG  10 N1    ? ? ? 1_555 A DC  1  N3 ? ? A DG  10 A DC  1  8_555 ? ? ? ? ? ? WATSON-CRICK    ?     ? ? 
hydrog25 hydrog ?    ? A DG  10 N2    ? ? ? 1_555 A DC  1  O2 ? ? A DG  10 A DC  1  8_555 ? ? ? ? ? ? WATSON-CRICK    ?     ? ? 
hydrog26 hydrog ?    ? A DG  10 O6    ? ? ? 1_555 A DC  1  N4 ? ? A DG  10 A DC  1  8_555 ? ? ? ? ? ? WATSON-CRICK    ?     ? ? 
# 
loop_
_struct_conn_type.id 
_struct_conn_type.criteria 
_struct_conn_type.reference 
covale ? ? 
hydrog ? ? 
# 
_pdbx_validate_rmsd_bond.id                        1 
_pdbx_validate_rmsd_bond.PDB_model_num             1 
_pdbx_validate_rmsd_bond.auth_atom_id_1            "O3'" 
_pdbx_validate_rmsd_bond.auth_asym_id_1            A 
_pdbx_validate_rmsd_bond.auth_comp_id_1            DC 
_pdbx_validate_rmsd_bond.auth_seq_id_1             7 
_pdbx_validate_rmsd_bond.PDB_ins_code_1            ? 
_pdbx_validate_rmsd_bond.label_alt_id_1            ? 
_pdbx_validate_rmsd_bond.auth_atom_id_2            "C3'" 
_pdbx_validate_rmsd_bond.auth_asym_id_2            A 
_pdbx_validate_rmsd_bond.auth_comp_id_2            DC 
_pdbx_validate_rmsd_bond.auth_seq_id_2             7 
_pdbx_validate_rmsd_bond.PDB_ins_code_2            ? 
_pdbx_validate_rmsd_bond.label_alt_id_2            ? 
_pdbx_validate_rmsd_bond.bond_value                1.364 
_pdbx_validate_rmsd_bond.bond_target_value         1.419 
_pdbx_validate_rmsd_bond.bond_deviation            -0.055 
_pdbx_validate_rmsd_bond.bond_standard_deviation   0.006 
_pdbx_validate_rmsd_bond.linker_flag               N 
# 
_pdbx_struct_special_symmetry.id              1 
_pdbx_struct_special_symmetry.PDB_model_num   1 
_pdbx_struct_special_symmetry.auth_asym_id    A 
_pdbx_struct_special_symmetry.auth_comp_id    CO 
_pdbx_struct_special_symmetry.auth_seq_id     101 
_pdbx_struct_special_symmetry.PDB_ins_code    ? 
_pdbx_struct_special_symmetry.label_asym_id   B 
_pdbx_struct_special_symmetry.label_comp_id   CO 
_pdbx_struct_special_symmetry.label_seq_id    . 
# 
_pdbx_entry_details.entry_id                 7YVX 
_pdbx_entry_details.has_ligand_of_interest   Y 
_pdbx_entry_details.compound_details         ? 
_pdbx_entry_details.source_details           ? 
_pdbx_entry_details.nonpolymer_details       ? 
_pdbx_entry_details.sequence_details         ? 
# 
loop_
_chem_comp_atom.comp_id 
_chem_comp_atom.atom_id 
_chem_comp_atom.type_symbol 
_chem_comp_atom.pdbx_aromatic_flag 
_chem_comp_atom.pdbx_stereo_config 
_chem_comp_atom.pdbx_ordinal 
CBR BR     BR N N 1   
CBR P      P  N N 2   
CBR OP1    O  N N 3   
CBR OP2    O  N N 4   
CBR "O5'"  O  N N 5   
CBR N1     N  N N 6   
CBR C6     C  N N 7   
CBR C2     C  N N 8   
CBR O2     O  N N 9   
CBR N3     N  N N 10  
CBR C4     C  N N 11  
CBR N4     N  N N 12  
CBR C5     C  N N 13  
CBR "C2'"  C  N N 14  
CBR "C5'"  C  N N 15  
CBR "C4'"  C  N R 16  
CBR "O4'"  O  N N 17  
CBR "C1'"  C  N R 18  
CBR "C3'"  C  N S 19  
CBR "O3'"  O  N N 20  
CBR OP3    O  N N 21  
CBR HOP2   H  N N 22  
CBR H6     H  N N 23  
CBR H41    H  N N 24  
CBR H42    H  N N 25  
CBR "H2'"  H  N N 26  
CBR "H2''" H  N N 27  
CBR "H5'"  H  N N 28  
CBR "H5''" H  N N 29  
CBR "H4'"  H  N N 30  
CBR "H1'"  H  N N 31  
CBR "H3'"  H  N N 32  
CBR "HO3'" H  N N 33  
CBR HOP3   H  N N 34  
CO  CO     CO N N 35  
DC  OP3    O  N N 36  
DC  P      P  N N 37  
DC  OP1    O  N N 38  
DC  OP2    O  N N 39  
DC  "O5'"  O  N N 40  
DC  "C5'"  C  N N 41  
DC  "C4'"  C  N R 42  
DC  "O4'"  O  N N 43  
DC  "C3'"  C  N S 44  
DC  "O3'"  O  N N 45  
DC  "C2'"  C  N N 46  
DC  "C1'"  C  N R 47  
DC  N1     N  N N 48  
DC  C2     C  N N 49  
DC  O2     O  N N 50  
DC  N3     N  N N 51  
DC  C4     C  N N 52  
DC  N4     N  N N 53  
DC  C5     C  N N 54  
DC  C6     C  N N 55  
DC  HOP3   H  N N 56  
DC  HOP2   H  N N 57  
DC  "H5'"  H  N N 58  
DC  "H5''" H  N N 59  
DC  "H4'"  H  N N 60  
DC  "H3'"  H  N N 61  
DC  "HO3'" H  N N 62  
DC  "H2'"  H  N N 63  
DC  "H2''" H  N N 64  
DC  "H1'"  H  N N 65  
DC  H41    H  N N 66  
DC  H42    H  N N 67  
DC  H5     H  N N 68  
DC  H6     H  N N 69  
DG  OP3    O  N N 70  
DG  P      P  N N 71  
DG  OP1    O  N N 72  
DG  OP2    O  N N 73  
DG  "O5'"  O  N N 74  
DG  "C5'"  C  N N 75  
DG  "C4'"  C  N R 76  
DG  "O4'"  O  N N 77  
DG  "C3'"  C  N S 78  
DG  "O3'"  O  N N 79  
DG  "C2'"  C  N N 80  
DG  "C1'"  C  N R 81  
DG  N9     N  Y N 82  
DG  C8     C  Y N 83  
DG  N7     N  Y N 84  
DG  C5     C  Y N 85  
DG  C6     C  N N 86  
DG  O6     O  N N 87  
DG  N1     N  N N 88  
DG  C2     C  N N 89  
DG  N2     N  N N 90  
DG  N3     N  N N 91  
DG  C4     C  Y N 92  
DG  HOP3   H  N N 93  
DG  HOP2   H  N N 94  
DG  "H5'"  H  N N 95  
DG  "H5''" H  N N 96  
DG  "H4'"  H  N N 97  
DG  "H3'"  H  N N 98  
DG  "HO3'" H  N N 99  
DG  "H2'"  H  N N 100 
DG  "H2''" H  N N 101 
DG  "H1'"  H  N N 102 
DG  H8     H  N N 103 
DG  H1     H  N N 104 
DG  H21    H  N N 105 
DG  H22    H  N N 106 
# 
loop_
_chem_comp_bond.comp_id 
_chem_comp_bond.atom_id_1 
_chem_comp_bond.atom_id_2 
_chem_comp_bond.value_order 
_chem_comp_bond.pdbx_aromatic_flag 
_chem_comp_bond.pdbx_stereo_config 
_chem_comp_bond.pdbx_ordinal 
CBR BR    C5     sing N N 1   
CBR P     OP1    doub N N 2   
CBR P     OP2    sing N N 3   
CBR P     "O5'"  sing N N 4   
CBR P     OP3    sing N N 5   
CBR OP2   HOP2   sing N N 6   
CBR "O5'" "C5'"  sing N N 7   
CBR N1    C6     sing N N 8   
CBR N1    C2     sing N N 9   
CBR N1    "C1'"  sing N N 10  
CBR C6    C5     doub N N 11  
CBR C6    H6     sing N N 12  
CBR C2    O2     doub N N 13  
CBR C2    N3     sing N N 14  
CBR N3    C4     doub N N 15  
CBR C4    N4     sing N N 16  
CBR C4    C5     sing N N 17  
CBR N4    H41    sing N N 18  
CBR N4    H42    sing N N 19  
CBR "C2'" "C1'"  sing N N 20  
CBR "C2'" "C3'"  sing N N 21  
CBR "C2'" "H2'"  sing N N 22  
CBR "C2'" "H2''" sing N N 23  
CBR "C5'" "C4'"  sing N N 24  
CBR "C5'" "H5'"  sing N N 25  
CBR "C5'" "H5''" sing N N 26  
CBR "C4'" "O4'"  sing N N 27  
CBR "C4'" "C3'"  sing N N 28  
CBR "C4'" "H4'"  sing N N 29  
CBR "O4'" "C1'"  sing N N 30  
CBR "C1'" "H1'"  sing N N 31  
CBR "C3'" "O3'"  sing N N 32  
CBR "C3'" "H3'"  sing N N 33  
CBR "O3'" "HO3'" sing N N 34  
CBR OP3   HOP3   sing N N 35  
DC  OP3   P      sing N N 36  
DC  OP3   HOP3   sing N N 37  
DC  P     OP1    doub N N 38  
DC  P     OP2    sing N N 39  
DC  P     "O5'"  sing N N 40  
DC  OP2   HOP2   sing N N 41  
DC  "O5'" "C5'"  sing N N 42  
DC  "C5'" "C4'"  sing N N 43  
DC  "C5'" "H5'"  sing N N 44  
DC  "C5'" "H5''" sing N N 45  
DC  "C4'" "O4'"  sing N N 46  
DC  "C4'" "C3'"  sing N N 47  
DC  "C4'" "H4'"  sing N N 48  
DC  "O4'" "C1'"  sing N N 49  
DC  "C3'" "O3'"  sing N N 50  
DC  "C3'" "C2'"  sing N N 51  
DC  "C3'" "H3'"  sing N N 52  
DC  "O3'" "HO3'" sing N N 53  
DC  "C2'" "C1'"  sing N N 54  
DC  "C2'" "H2'"  sing N N 55  
DC  "C2'" "H2''" sing N N 56  
DC  "C1'" N1     sing N N 57  
DC  "C1'" "H1'"  sing N N 58  
DC  N1    C2     sing N N 59  
DC  N1    C6     sing N N 60  
DC  C2    O2     doub N N 61  
DC  C2    N3     sing N N 62  
DC  N3    C4     doub N N 63  
DC  C4    N4     sing N N 64  
DC  C4    C5     sing N N 65  
DC  N4    H41    sing N N 66  
DC  N4    H42    sing N N 67  
DC  C5    C6     doub N N 68  
DC  C5    H5     sing N N 69  
DC  C6    H6     sing N N 70  
DG  OP3   P      sing N N 71  
DG  OP3   HOP3   sing N N 72  
DG  P     OP1    doub N N 73  
DG  P     OP2    sing N N 74  
DG  P     "O5'"  sing N N 75  
DG  OP2   HOP2   sing N N 76  
DG  "O5'" "C5'"  sing N N 77  
DG  "C5'" "C4'"  sing N N 78  
DG  "C5'" "H5'"  sing N N 79  
DG  "C5'" "H5''" sing N N 80  
DG  "C4'" "O4'"  sing N N 81  
DG  "C4'" "C3'"  sing N N 82  
DG  "C4'" "H4'"  sing N N 83  
DG  "O4'" "C1'"  sing N N 84  
DG  "C3'" "O3'"  sing N N 85  
DG  "C3'" "C2'"  sing N N 86  
DG  "C3'" "H3'"  sing N N 87  
DG  "O3'" "HO3'" sing N N 88  
DG  "C2'" "C1'"  sing N N 89  
DG  "C2'" "H2'"  sing N N 90  
DG  "C2'" "H2''" sing N N 91  
DG  "C1'" N9     sing N N 92  
DG  "C1'" "H1'"  sing N N 93  
DG  N9    C8     sing Y N 94  
DG  N9    C4     sing Y N 95  
DG  C8    N7     doub Y N 96  
DG  C8    H8     sing N N 97  
DG  N7    C5     sing Y N 98  
DG  C5    C6     sing N N 99  
DG  C5    C4     doub Y N 100 
DG  C6    O6     doub N N 101 
DG  C6    N1     sing N N 102 
DG  N1    C2     sing N N 103 
DG  N1    H1     sing N N 104 
DG  C2    N2     sing N N 105 
DG  C2    N3     doub N N 106 
DG  N2    H21    sing N N 107 
DG  N2    H22    sing N N 108 
DG  N3    C4     sing N N 109 
# 
loop_
_ndb_struct_conf_na.entry_id 
_ndb_struct_conf_na.feature 
7YVX 'double helix'         
7YVX 'mismatched base pair' 
# 
loop_
_ndb_struct_na_base_pair.model_number 
_ndb_struct_na_base_pair.i_label_asym_id 
_ndb_struct_na_base_pair.i_label_comp_id 
_ndb_struct_na_base_pair.i_label_seq_id 
_ndb_struct_na_base_pair.i_symmetry 
_ndb_struct_na_base_pair.j_label_asym_id 
_ndb_struct_na_base_pair.j_label_comp_id 
_ndb_struct_na_base_pair.j_label_seq_id 
_ndb_struct_na_base_pair.j_symmetry 
_ndb_struct_na_base_pair.shear 
_ndb_struct_na_base_pair.stretch 
_ndb_struct_na_base_pair.stagger 
_ndb_struct_na_base_pair.buckle 
_ndb_struct_na_base_pair.propeller 
_ndb_struct_na_base_pair.opening 
_ndb_struct_na_base_pair.pair_number 
_ndb_struct_na_base_pair.pair_name 
_ndb_struct_na_base_pair.i_auth_asym_id 
_ndb_struct_na_base_pair.i_auth_seq_id 
_ndb_struct_na_base_pair.i_PDB_ins_code 
_ndb_struct_na_base_pair.j_auth_asym_id 
_ndb_struct_na_base_pair.j_auth_seq_id 
_ndb_struct_na_base_pair.j_PDB_ins_code 
_ndb_struct_na_base_pair.hbond_type_28 
_ndb_struct_na_base_pair.hbond_type_12 
1 A DC  1  1_555 A DG  10 8_555 -0.015 -0.611 0.024  -2.960  -4.268  -6.377  1  A_DC1:DG10_A A 1  ? A 10 ? 19 1 
1 A DG  2  1_555 A DC  9  8_555 -0.247 -0.215 -0.006 8.306   0.754   -2.095  2  A_DG2:DC9_A  A 2  ? A 9  ? 19 1 
1 A CBR 3  1_555 A DG  8  8_555 0.191  -0.181 -0.102 -4.999  -2.934  -3.318  3  A_CBR3:DG8_A A 3  ? A 8  ? 19 1 
1 A DG  4  1_555 A DC  7  8_555 -0.374 -0.224 -0.079 12.662  -4.526  -1.351  4  A_DG4:DC7_A  A 4  ? A 7  ? 19 1 
1 A DG  5  1_555 A DG  6  8_555 -3.652 1.618  0.330  10.943  -12.279 -64.781 5  A_DG5:DG6_A  A 5  ? A 6  ? ?  1 
1 A DG  6  1_555 A DG  5  8_555 3.652  1.618  0.330  -10.943 -12.279 -64.781 6  A_DG6:DG5_A  A 6  ? A 5  ? ?  1 
1 A DC  7  1_555 A DG  4  8_555 0.374  -0.224 -0.079 -12.662 -4.526  -1.351  7  A_DC7:DG4_A  A 7  ? A 4  ? 19 1 
1 A DG  8  1_555 A CBR 3  8_555 -0.191 -0.181 -0.102 4.999   -2.934  -3.318  8  A_DG8:CBR3_A A 8  ? A 3  ? 19 1 
1 A DC  9  1_555 A DG  2  8_555 0.247  -0.215 -0.006 -8.306  0.754   -2.095  9  A_DC9:DG2_A  A 9  ? A 2  ? 19 1 
1 A DG  10 1_555 A DC  1  8_555 0.015  -0.611 0.024  2.960   -4.268  -6.377  10 A_DG10:DC1_A A 10 ? A 1  ? 19 1 
# 
loop_
_ndb_struct_na_base_pair_step.model_number 
_ndb_struct_na_base_pair_step.i_label_asym_id_1 
_ndb_struct_na_base_pair_step.i_label_comp_id_1 
_ndb_struct_na_base_pair_step.i_label_seq_id_1 
_ndb_struct_na_base_pair_step.i_symmetry_1 
_ndb_struct_na_base_pair_step.j_label_asym_id_1 
_ndb_struct_na_base_pair_step.j_label_comp_id_1 
_ndb_struct_na_base_pair_step.j_label_seq_id_1 
_ndb_struct_na_base_pair_step.j_symmetry_1 
_ndb_struct_na_base_pair_step.i_label_asym_id_2 
_ndb_struct_na_base_pair_step.i_label_comp_id_2 
_ndb_struct_na_base_pair_step.i_label_seq_id_2 
_ndb_struct_na_base_pair_step.i_symmetry_2 
_ndb_struct_na_base_pair_step.j_label_asym_id_2 
_ndb_struct_na_base_pair_step.j_label_comp_id_2 
_ndb_struct_na_base_pair_step.j_label_seq_id_2 
_ndb_struct_na_base_pair_step.j_symmetry_2 
_ndb_struct_na_base_pair_step.shift 
_ndb_struct_na_base_pair_step.slide 
_ndb_struct_na_base_pair_step.rise 
_ndb_struct_na_base_pair_step.tilt 
_ndb_struct_na_base_pair_step.roll 
_ndb_struct_na_base_pair_step.twist 
_ndb_struct_na_base_pair_step.x_displacement 
_ndb_struct_na_base_pair_step.y_displacement 
_ndb_struct_na_base_pair_step.helical_rise 
_ndb_struct_na_base_pair_step.inclination 
_ndb_struct_na_base_pair_step.tip 
_ndb_struct_na_base_pair_step.helical_twist 
_ndb_struct_na_base_pair_step.step_number 
_ndb_struct_na_base_pair_step.step_name 
_ndb_struct_na_base_pair_step.i_auth_asym_id_1 
_ndb_struct_na_base_pair_step.i_auth_seq_id_1 
_ndb_struct_na_base_pair_step.i_PDB_ins_code_1 
_ndb_struct_na_base_pair_step.j_auth_asym_id_1 
_ndb_struct_na_base_pair_step.j_auth_seq_id_1 
_ndb_struct_na_base_pair_step.j_PDB_ins_code_1 
_ndb_struct_na_base_pair_step.i_auth_asym_id_2 
_ndb_struct_na_base_pair_step.i_auth_seq_id_2 
_ndb_struct_na_base_pair_step.i_PDB_ins_code_2 
_ndb_struct_na_base_pair_step.j_auth_asym_id_2 
_ndb_struct_na_base_pair_step.j_auth_seq_id_2 
_ndb_struct_na_base_pair_step.j_PDB_ins_code_2 
1 A DC  1 1_555 A DG  10 8_555 A DG  2  1_555 A DC  9 8_555 0.173  5.047  -3.810 -0.569  -3.041  10.734 19.632 0.289  -5.041 
-15.831 2.960   11.170  1 AA_DC1DG2:DC9DG10_AA A 1 ? A 10 ? A 2  ? A 9 ? 
1 A DG  2 1_555 A DC  9  8_555 A CBR 3  1_555 A DG  8 8_555 0.242  -1.170 -3.142 0.359   -7.171  47.439 -1.971 -0.324 -2.944 
-8.853  -0.443  47.948  2 AA_DG2CBR3:DG8DC9_AA A 2 ? A 9  ? A 3  ? A 8 ? 
1 A CBR 3 1_555 A DG  8  8_555 A DG  4  1_555 A DC  7 8_555 -0.094 5.448  -3.906 2.201   -5.332  8.912  14.812 -5.536 -6.033 
-30.469 -12.578 10.613  3 AA_CBR3DG4:DC7DG8_AA A 3 ? A 8  ? A 4  ? A 7 ? 
1 A DG  4 1_555 A DC  7  8_555 A DG  5  1_555 A DG  6 8_555 2.783  0.931  1.154  -34.754 164.713 70.634 -0.064 -1.508 0.943  
84.756  17.883  170.491 4 AA_DG4DG5:DG6DC7_AA  A 4 ? A 7  ? A 5  ? A 6 ? 
1 A DG  5 1_555 A DG  6  8_555 A DG  6  1_555 A DG  5 8_555 0.000  -1.155 3.723  0.000   -7.881  60.442 -0.701 0.000  3.833  
-7.793  0.000   60.906  5 AA_DG5DG6:DG5DG6_AA  A 5 ? A 6  ? A 6  ? A 5 ? 
1 A DG  6 1_555 A DG  5  8_555 A DC  7  1_555 A DG  4 8_555 -2.783 0.931  1.154  34.754  164.713 70.634 -0.064 1.508  0.943  
84.756  -17.883 170.491 6 AA_DG6DC7:DG4DG5_AA  A 6 ? A 5  ? A 7  ? A 4 ? 
1 A DC  7 1_555 A DG  4  8_555 A DG  8  1_555 A CBR 3 8_555 0.094  5.448  -3.906 -2.201  -5.332  8.912  14.812 5.536  -6.033 
-30.469 12.578  10.613  7 AA_DC7DG8:CBR3DG4_AA A 7 ? A 4  ? A 8  ? A 3 ? 
1 A DG  8 1_555 A CBR 3  8_555 A DC  9  1_555 A DG  2 8_555 -0.242 -1.170 -3.142 -0.359  -7.171  47.439 -1.971 0.324  -2.944 
-8.853  0.443   47.948  8 AA_DG8DC9:DG2CBR3_AA A 8 ? A 3  ? A 9  ? A 2 ? 
1 A DC  9 1_555 A DG  2  8_555 A DG  10 1_555 A DC  1 8_555 -0.173 5.047  -3.810 0.569   -3.041  10.734 19.632 -0.289 -5.041 
-15.831 -2.960  11.170  9 AA_DC9DG10:DC1DG2_AA A 9 ? A 2  ? A 10 ? A 1 ? 
# 
_pdbx_audit_support.funding_organization   'Ministry of Education, Culture, Sports, Science and Technology (Japan)' 
_pdbx_audit_support.country                Japan 
_pdbx_audit_support.grant_number           21H01956 
_pdbx_audit_support.ordinal                1 
# 
_pdbx_entity_instance_feature.ordinal        1 
_pdbx_entity_instance_feature.comp_id        CBR 
_pdbx_entity_instance_feature.asym_id        ? 
_pdbx_entity_instance_feature.seq_num        ? 
_pdbx_entity_instance_feature.auth_comp_id   CBR 
_pdbx_entity_instance_feature.auth_asym_id   ? 
_pdbx_entity_instance_feature.auth_seq_num   ? 
_pdbx_entity_instance_feature.feature_type   'SUBJECT OF INVESTIGATION' 
_pdbx_entity_instance_feature.details        ? 
# 
_atom_sites.entry_id                    7YVX 
_atom_sites.Cartn_transf_matrix[1][1]   ? 
_atom_sites.Cartn_transf_matrix[1][2]   ? 
_atom_sites.Cartn_transf_matrix[1][3]   ? 
_atom_sites.Cartn_transf_matrix[2][1]   ? 
_atom_sites.Cartn_transf_matrix[2][2]   ? 
_atom_sites.Cartn_transf_matrix[2][3]   ? 
_atom_sites.Cartn_transf_matrix[3][1]   ? 
_atom_sites.Cartn_transf_matrix[3][2]   ? 
_atom_sites.Cartn_transf_matrix[3][3]   ? 
_atom_sites.Cartn_transf_vector[1]      ? 
_atom_sites.Cartn_transf_vector[2]      ? 
_atom_sites.Cartn_transf_vector[3]      ? 
_atom_sites.fract_transf_matrix[1][1]   -0.00091833 
_atom_sites.fract_transf_matrix[1][2]   -0.02154322 
_atom_sites.fract_transf_matrix[1][3]   0.01561289 
_atom_sites.fract_transf_matrix[2][1]   0.00001338 
_atom_sites.fract_transf_matrix[2][2]   0.00274131 
_atom_sites.fract_transf_matrix[2][3]   0.02647948 
_atom_sites.fract_transf_matrix[3][1]   -0.01387781 
_atom_sites.fract_transf_matrix[3][2]   0.00055502 
_atom_sites.fract_transf_matrix[3][3]   -0.00005045 
_atom_sites.fract_transf_vector[1]      -0.193249 
_atom_sites.fract_transf_vector[2]      0.020748 
_atom_sites.fract_transf_vector[3]      -0.058299 
_atom_sites.solution_primary            ? 
_atom_sites.solution_secondary          ? 
_atom_sites.solution_hydrogens          ? 
_atom_sites.special_details             ? 
# 
loop_
_atom_type.symbol 
BR 
C  
CO 
N  
O  
P  
# 
loop_
_atom_site.group_PDB 
_atom_site.id 
_atom_site.type_symbol 
_atom_site.label_atom_id 
_atom_site.label_alt_id 
_atom_site.label_comp_id 
_atom_site.label_asym_id 
_atom_site.label_entity_id 
_atom_site.label_seq_id 
_atom_site.pdbx_PDB_ins_code 
_atom_site.Cartn_x 
_atom_site.Cartn_y 
_atom_site.Cartn_z 
_atom_site.occupancy 
_atom_site.B_iso_or_equiv 
_atom_site.pdbx_formal_charge 
_atom_site.auth_seq_id 
_atom_site.auth_comp_id 
_atom_site.auth_asym_id 
_atom_site.auth_atom_id 
_atom_site.pdbx_PDB_model_num 
ATOM   1   O  "O5'" . DC  A 1 1  ? -6.374  5.980  -16.668 1.00 54.81  ? 1   DC  A "O5'" 1 
ATOM   2   C  "C5'" . DC  A 1 1  ? -5.029  5.987  -16.194 1.00 54.96  ? 1   DC  A "C5'" 1 
ATOM   3   C  "C4'" . DC  A 1 1  ? -4.535  4.573  -15.924 1.00 55.03  ? 1   DC  A "C4'" 1 
ATOM   4   O  "O4'" . DC  A 1 1  ? -5.657  3.698  -15.610 1.00 52.64  ? 1   DC  A "O4'" 1 
ATOM   5   C  "C3'" . DC  A 1 1  ? -3.831  3.899  -17.091 1.00 57.69  ? 1   DC  A "C3'" 1 
ATOM   6   O  "O3'" . DC  A 1 1  ? -2.904  2.970  -16.590 0.64 58.52  ? 1   DC  A "O3'" 1 
ATOM   7   C  "C2'" . DC  A 1 1  ? -4.977  3.190  -17.802 1.00 46.66  ? 1   DC  A "C2'" 1 
ATOM   8   C  "C1'" . DC  A 1 1  ? -5.768  2.690  -16.608 1.00 43.19  ? 1   DC  A "C1'" 1 
ATOM   9   N  N1    . DC  A 1 1  ? -7.199  2.475  -16.889 1.00 35.33  ? 1   DC  A N1    1 
ATOM   10  C  C2    . DC  A 1 1  ? -7.624  1.229  -17.351 1.00 39.60  ? 1   DC  A C2    1 
ATOM   11  O  O2    . DC  A 1 1  ? -6.784  0.330  -17.545 1.00 37.88  ? 1   DC  A O2    1 
ATOM   12  N  N3    . DC  A 1 1  ? -8.954  1.036  -17.579 1.00 35.44  ? 1   DC  A N3    1 
ATOM   13  C  C4    . DC  A 1 1  ? -9.808  2.048  -17.365 1.00 37.43  ? 1   DC  A C4    1 
ATOM   14  N  N4    . DC  A 1 1  ? -11.095 1.835  -17.614 1.00 41.88  ? 1   DC  A N4    1 
ATOM   15  C  C5    . DC  A 1 1  ? -9.385  3.319  -16.894 1.00 33.62  ? 1   DC  A C5    1 
ATOM   16  C  C6    . DC  A 1 1  ? -8.082  3.486  -16.665 1.00 36.22  ? 1   DC  A C6    1 
ATOM   17  P  P     . DG  A 1 2  ? -1.380  3.065  -17.059 1.00 68.36  ? 2   DG  A P     1 
ATOM   18  O  OP1   . DG  A 1 2  ? -1.191  4.455  -17.559 1.00 51.85  ? 2   DG  A OP1   1 
ATOM   19  O  OP2   . DG  A 1 2  ? -1.155  1.859  -17.897 1.00 58.49  ? 2   DG  A OP2   1 
ATOM   20  O  "O5'" . DG  A 1 2  ? -0.536  2.981  -15.701 1.00 73.59  ? 2   DG  A "O5'" 1 
ATOM   21  C  "C5'" . DG  A 1 2  ? -1.073  2.323  -14.560 1.00 72.13  ? 2   DG  A "C5'" 1 
ATOM   22  C  "C4'" . DG  A 1 2  ? -1.000  3.217  -13.331 1.00 55.43  ? 2   DG  A "C4'" 1 
ATOM   23  O  "O4'" . DG  A 1 2  ? -1.981  4.267  -13.447 1.00 58.29  ? 2   DG  A "O4'" 1 
ATOM   24  C  "C3'" . DG  A 1 2  ? -1.308  2.513  -12.023 1.00 45.55  ? 2   DG  A "C3'" 1 
ATOM   25  O  "O3'" . DG  A 1 2  ? -0.114  2.019  -11.474 1.00 42.48  ? 2   DG  A "O3'" 1 
ATOM   26  C  "C2'" . DG  A 1 2  ? -1.909  3.615  -11.148 1.00 51.76  ? 2   DG  A "C2'" 1 
ATOM   27  C  "C1'" . DG  A 1 2  ? -2.452  4.634  -12.158 1.00 54.24  ? 2   DG  A "C1'" 1 
ATOM   28  N  N9    . DG  A 1 2  ? -3.919  4.734  -12.213 1.00 52.34  ? 2   DG  A N9    1 
ATOM   29  C  C8    . DG  A 1 2  ? -4.678  5.870  -12.009 1.00 45.35  ? 2   DG  A C8    1 
ATOM   30  N  N7    . DG  A 1 2  ? -5.962  5.670  -12.150 1.00 47.62  ? 2   DG  A N7    1 
ATOM   31  C  C5    . DG  A 1 2  ? -6.058  4.318  -12.482 1.00 37.73  ? 2   DG  A C5    1 
ATOM   32  C  C6    . DG  A 1 2  ? -7.198  3.538  -12.760 1.00 37.90  ? 2   DG  A C6    1 
ATOM   33  O  O6    . DG  A 1 2  ? -8.376  3.893  -12.766 1.00 51.52  ? 2   DG  A O6    1 
ATOM   34  N  N1    . DG  A 1 2  ? -6.873  2.229  -13.055 1.00 38.24  ? 2   DG  A N1    1 
ATOM   35  C  C2    . DG  A 1 2  ? -5.595  1.734  -13.080 1.00 46.99  ? 2   DG  A C2    1 
ATOM   36  N  N2    . DG  A 1 2  ? -5.470  0.428  -13.382 1.00 42.16  ? 2   DG  A N2    1 
ATOM   37  N  N3    . DG  A 1 2  ? -4.510  2.456  -12.826 1.00 40.48  ? 2   DG  A N3    1 
ATOM   38  C  C4    . DG  A 1 2  ? -4.818  3.734  -12.532 1.00 38.09  ? 2   DG  A C4    1 
HETATM 39  BR BR    . CBR A 1 3  ? -4.723  4.362  -8.773  1.00 112.39 ? 3   CBR A BR    1 
HETATM 40  P  P     . CBR A 1 3  ? 0.093   0.435  -11.338 1.00 67.77  ? 3   CBR A P     1 
HETATM 41  O  OP1   . CBR A 1 3  ? 1.524   0.038  -10.977 1.00 71.53  ? 3   CBR A OP1   1 
HETATM 42  O  OP2   . CBR A 1 3  ? -0.287  -0.212 -12.597 1.00 67.22  ? 3   CBR A OP2   1 
HETATM 43  O  "O5'" . CBR A 1 3  ? -0.899  0.020  -10.084 1.00 59.70  ? 3   CBR A "O5'" 1 
HETATM 44  N  N1    . CBR A 1 3  ? -5.091  0.303  -9.439  1.00 45.74  ? 3   CBR A N1    1 
HETATM 45  C  C6    . CBR A 1 3  ? -4.591  1.484  -9.138  1.00 38.34  ? 3   CBR A C6    1 
HETATM 46  C  C2    . CBR A 1 3  ? -6.389  0.117  -9.748  1.00 44.27  ? 3   CBR A C2    1 
HETATM 47  O  O2    . CBR A 1 3  ? -6.832  -1.222 -10.033 1.00 44.07  ? 3   CBR A O2    1 
HETATM 48  N  N3    . CBR A 1 3  ? -7.238  1.122  -9.787  1.00 39.73  ? 3   CBR A N3    1 
HETATM 49  C  C4    . CBR A 1 3  ? -6.809  2.344  -9.518  1.00 37.48  ? 3   CBR A C4    1 
HETATM 50  N  N4    . CBR A 1 3  ? -7.759  3.414  -9.592  1.00 38.07  ? 3   CBR A N4    1 
HETATM 51  C  C5    . CBR A 1 3  ? -5.448  2.570  -9.176  1.00 36.35  ? 3   CBR A C5    1 
HETATM 52  C  "C2'" . CBR A 1 3  ? -3.839  -1.446 -10.786 1.00 42.98  ? 3   CBR A "C2'" 1 
HETATM 53  C  "C5'" . CBR A 1 3  ? -0.741  -1.280 -9.579  1.00 64.29  ? 3   CBR A "C5'" 1 
HETATM 54  C  "C4'" . CBR A 1 3  ? -2.116  -1.844 -9.285  1.00 51.89  ? 3   CBR A "C4'" 1 
HETATM 55  O  "O4'" . CBR A 1 3  ? -3.101  -0.612 -8.803  1.00 47.77  ? 3   CBR A "O4'" 1 
HETATM 56  C  "C1'" . CBR A 1 3  ? -4.245  -0.897 -9.377  1.00 44.42  ? 3   CBR A "C1'" 1 
HETATM 57  C  "C3'" . CBR A 1 3  ? -2.656  -2.372 -10.384 1.00 43.39  ? 3   CBR A "C3'" 1 
HETATM 58  O  "O3'" . CBR A 1 3  ? -3.215  -3.679 -10.024 1.00 42.35  ? 3   CBR A "O3'" 1 
ATOM   59  P  P     . DG  A 1 4  ? -2.343  -4.991 -10.301 0.55 53.81  ? 4   DG  A P     1 
ATOM   60  O  OP1   . DG  A 1 4  ? -1.745  -4.721 -11.627 1.00 45.77  ? 4   DG  A OP1   1 
ATOM   61  O  OP2   . DG  A 1 4  ? -3.078  -6.228 -9.926  1.00 47.34  ? 4   DG  A OP2   1 
ATOM   62  O  "O5'" . DG  A 1 4  ? -1.151  -4.875 -9.273  0.50 52.01  ? 4   DG  A "O5'" 1 
ATOM   63  C  "C5'" . DG  A 1 4  ? -1.290  -5.309 -7.950  1.00 48.23  ? 4   DG  A "C5'" 1 
ATOM   64  C  "C4'" . DG  A 1 4  ? -0.054  -4.872 -7.208  1.00 55.56  ? 4   DG  A "C4'" 1 
ATOM   65  O  "O4'" . DG  A 1 4  ? -0.001  -3.429 -7.181  1.00 57.06  ? 4   DG  A "O4'" 1 
ATOM   66  C  "C3'" . DG  A 1 4  ? 0.106   -5.344 -5.775  1.00 55.13  ? 4   DG  A "C3'" 1 
ATOM   67  O  "O3'" . DG  A 1 4  ? 1.481   -5.705 -5.604  1.00 70.17  ? 4   DG  A "O3'" 1 
ATOM   68  C  "C2'" . DG  A 1 4  ? -0.274  -4.093 -4.964  1.00 47.74  ? 4   DG  A "C2'" 1 
ATOM   69  C  "C1'" . DG  A 1 4  ? 0.210   -2.981 -5.868  1.00 45.68  ? 4   DG  A "C1'" 1 
ATOM   70  N  N9    . DG  A 1 4  ? -0.496  -1.710 -5.748  1.00 38.66  ? 4   DG  A N9    1 
ATOM   71  C  C8    . DG  A 1 4  ? 0.082   -0.466 -5.686  1.00 45.28  ? 4   DG  A C8    1 
ATOM   72  N  N7    . DG  A 1 4  ? -0.776  0.506  -5.635  1.00 45.70  ? 4   DG  A N7    1 
ATOM   73  C  C5    . DG  A 1 4  ? -2.005  -0.140 -5.687  1.00 43.95  ? 4   DG  A C5    1 
ATOM   74  C  C6    . DG  A 1 4  ? -3.301  0.401  -5.670  1.00 43.74  ? 4   DG  A C6    1 
ATOM   75  O  O6    . DG  A 1 4  ? -3.624  1.592  -5.609  1.00 49.23  ? 4   DG  A O6    1 
ATOM   76  N  N1    . DG  A 1 4  ? -4.272  -0.581 -5.747  1.00 42.86  ? 4   DG  A N1    1 
ATOM   77  C  C2    . DG  A 1 4  ? -4.020  -1.921 -5.826  1.00 50.67  ? 4   DG  A C2    1 
ATOM   78  N  N2    . DG  A 1 4  ? -5.098  -2.726 -5.883  1.00 51.22  ? 4   DG  A N2    1 
ATOM   79  N  N3    . DG  A 1 4  ? -2.800  -2.444 -5.837  1.00 47.06  ? 4   DG  A N3    1 
ATOM   80  C  C4    . DG  A 1 4  ? -1.848  -1.498 -5.771  1.00 38.87  ? 4   DG  A C4    1 
ATOM   81  P  P     . DG  A 1 5  ? 2.016   -6.606 -4.383  1.00 88.50  ? 5   DG  A P     1 
ATOM   82  O  OP1   . DG  A 1 5  ? 2.996   -7.532 -4.985  1.00 78.83  ? 5   DG  A OP1   1 
ATOM   83  O  OP2   . DG  A 1 5  ? 0.892   -7.215 -3.617  1.00 68.81  ? 5   DG  A OP2   1 
ATOM   84  O  "O5'" . DG  A 1 5  ? 2.855   -5.529 -3.546  1.00 61.08  ? 5   DG  A "O5'" 1 
ATOM   85  C  "C5'" . DG  A 1 5  ? 3.593   -4.539 -4.281  1.00 61.06  ? 5   DG  A "C5'" 1 
ATOM   86  C  "C4'" . DG  A 1 5  ? 3.978   -3.329 -3.429  1.00 66.88  ? 5   DG  A "C4'" 1 
ATOM   87  O  "O4'" . DG  A 1 5  ? 2.926   -2.318 -3.444  1.00 62.67  ? 5   DG  A "O4'" 1 
ATOM   88  C  "C3'" . DG  A 1 5  ? 4.275   -3.587 -1.951  1.00 67.18  ? 5   DG  A "C3'" 1 
ATOM   89  O  "O3'" . DG  A 1 5  ? 5.307   -2.647 -1.543  1.00 84.77  ? 5   DG  A "O3'" 1 
ATOM   90  C  "C2'" . DG  A 1 5  ? 2.925   -3.272 -1.312  1.00 60.72  ? 5   DG  A "C2'" 1 
ATOM   91  C  "C1'" . DG  A 1 5  ? 2.533   -2.038 -2.110  1.00 61.65  ? 5   DG  A "C1'" 1 
ATOM   92  N  N9    . DG  A 1 5  ? 1.107   -1.765 -2.107  1.00 53.36  ? 5   DG  A N9    1 
ATOM   93  C  C8    . DG  A 1 5  ? 0.095   -2.673 -1.935  1.00 48.20  ? 5   DG  A C8    1 
ATOM   94  N  N7    . DG  A 1 5  ? -1.092  -2.134 -2.009  1.00 52.17  ? 5   DG  A N7    1 
ATOM   95  C  C5    . DG  A 1 5  ? -0.847  -0.791 -2.248  1.00 39.80  ? 5   DG  A C5    1 
ATOM   96  C  C6    . DG  A 1 5  ? -1.751  0.279  -2.427  1.00 42.81  ? 5   DG  A C6    1 
ATOM   97  O  O6    . DG  A 1 5  ? -2.986  0.246  -2.413  1.00 47.00  ? 5   DG  A O6    1 
ATOM   98  N  N1    . DG  A 1 5  ? -1.093  1.484  -2.644  1.00 43.98  ? 5   DG  A N1    1 
ATOM   99  C  C2    . DG  A 1 5  ? 0.273   1.627  -2.692  1.00 50.86  ? 5   DG  A C2    1 
ATOM   100 N  N2    . DG  A 1 5  ? 0.733   2.873  -2.916  1.00 51.06  ? 5   DG  A N2    1 
ATOM   101 N  N3    . DG  A 1 5  ? 1.134   0.618  -2.536  1.00 49.02  ? 5   DG  A N3    1 
ATOM   102 C  C4    . DG  A 1 5  ? 0.502   -0.550 -2.315  1.00 40.87  ? 5   DG  A C4    1 
ATOM   103 P  P     . DG  A 1 6  ? 5.669   -2.346 -0.002  1.00 71.27  ? 6   DG  A P     1 
ATOM   104 O  OP1   . DG  A 1 6  ? 7.106   -2.006 -0.049  1.00 75.90  ? 6   DG  A OP1   1 
ATOM   105 O  OP2   . DG  A 1 6  ? 5.184   -3.457 0.862   1.00 49.08  ? 6   DG  A OP2   1 
ATOM   106 O  "O5'" . DG  A 1 6  ? 4.933   -0.952 0.317   1.00 61.88  ? 6   DG  A "O5'" 1 
ATOM   107 C  "C5'" . DG  A 1 6  ? 5.671   0.273  0.211   1.00 56.19  ? 6   DG  A "C5'" 1 
ATOM   108 C  "C4'" . DG  A 1 6  ? 4.752   1.483  0.294   1.00 65.34  ? 6   DG  A "C4'" 1 
ATOM   109 O  "O4'" . DG  A 1 6  ? 3.541   1.208  -0.444  1.00 75.42  ? 6   DG  A "O4'" 1 
ATOM   110 C  "C3'" . DG  A 1 6  ? 4.259   1.857  1.686   1.00 64.41  ? 6   DG  A "C3'" 1 
ATOM   111 O  "O3'" . DG  A 1 6  ? 5.178   2.696  2.325   1.00 80.28  ? 6   DG  A "O3'" 1 
ATOM   112 C  "C2'" . DG  A 1 6  ? 2.986   2.624  1.362   1.00 57.20  ? 6   DG  A "C2'" 1 
ATOM   113 C  "C1'" . DG  A 1 6  ? 2.431   1.793  0.222   1.00 62.32  ? 6   DG  A "C1'" 1 
ATOM   114 N  N9    . DG  A 1 6  ? 1.526   0.725  0.655   1.00 55.80  ? 6   DG  A N9    1 
ATOM   115 C  C8    . DG  A 1 6  ? 1.857   -0.566 1.038   1.00 52.91  ? 6   DG  A C8    1 
ATOM   116 N  N7    . DG  A 1 6  ? 0.816   -1.288 1.368   1.00 48.70  ? 6   DG  A N7    1 
ATOM   117 C  C5    . DG  A 1 6  ? -0.270  -0.419 1.172   1.00 51.65  ? 6   DG  A C5    1 
ATOM   118 C  C6    . DG  A 1 6  ? -1.656  -0.634 1.346   1.00 48.03  ? 6   DG  A C6    1 
ATOM   119 O  O6    . DG  A 1 6  ? -2.232  -1.660 1.716   1.00 55.57  ? 6   DG  A O6    1 
ATOM   120 N  N1    . DG  A 1 6  ? -2.393  0.502  1.051   1.00 37.31  ? 6   DG  A N1    1 
ATOM   121 C  C2    . DG  A 1 6  ? -1.868  1.695  0.627   1.00 43.34  ? 6   DG  A C2    1 
ATOM   122 N  N2    . DG  A 1 6  ? -2.745  2.681  0.374   1.00 44.30  ? 6   DG  A N2    1 
ATOM   123 N  N3    . DG  A 1 6  ? -0.578  1.910  0.451   1.00 47.19  ? 6   DG  A N3    1 
ATOM   124 C  C4    . DG  A 1 6  ? 0.156   0.812  0.740   1.00 50.63  ? 6   DG  A C4    1 
ATOM   125 P  P     . DC  A 1 7  ? 5.854   2.251  3.709   1.00 74.92  ? 7   DC  A P     1 
ATOM   126 O  OP1   . DC  A 1 7  ? 6.204   3.489  4.433   1.00 69.62  ? 7   DC  A OP1   1 
ATOM   127 O  OP2   . DC  A 1 7  ? 6.859   1.211  3.372   1.00 62.55  ? 7   DC  A OP2   1 
ATOM   128 O  "O5'" . DC  A 1 7  ? 4.713   1.494  4.531   1.00 48.96  ? 7   DC  A "O5'" 1 
ATOM   129 C  "C5'" . DC  A 1 7  ? 5.123   0.558  5.529   1.00 59.89  ? 7   DC  A "C5'" 1 
ATOM   130 C  "C4'" . DC  A 1 7  ? 3.950   -0.142 6.176   1.00 47.57  ? 7   DC  A "C4'" 1 
ATOM   131 O  "O4'" . DC  A 1 7  ? 2.798   0.742  6.212   1.00 49.70  ? 7   DC  A "O4'" 1 
ATOM   132 C  "C3'" . DC  A 1 7  ? 3.482   -1.388 5.463   1.00 40.21  ? 7   DC  A "C3'" 1 
ATOM   133 O  "O3'" . DC  A 1 7  ? 3.172   -2.332 6.397   1.00 36.56  ? 7   DC  A "O3'" 1 
ATOM   134 C  "C2'" . DC  A 1 7  ? 2.223   -0.919 4.756   1.00 51.11  ? 7   DC  A "C2'" 1 
ATOM   135 C  "C1'" . DC  A 1 7  ? 1.673   0.021  5.786   1.00 37.64  ? 7   DC  A "C1'" 1 
ATOM   136 N  N1    . DC  A 1 7  ? 0.727   0.968  5.234   1.00 43.63  ? 7   DC  A N1    1 
ATOM   137 C  C2    . DC  A 1 7  ? -0.602  0.583  5.044   1.00 44.02  ? 7   DC  A C2    1 
ATOM   138 O  O2    . DC  A 1 7  ? -0.948  -0.563 5.363   1.00 47.05  ? 7   DC  A O2    1 
ATOM   139 N  N3    . DC  A 1 7  ? -1.473  1.481  4.520   1.00 39.62  ? 7   DC  A N3    1 
ATOM   140 C  C4    . DC  A 1 7  ? -1.054  2.703  4.207   1.00 45.71  ? 7   DC  A C4    1 
ATOM   141 N  N4    . DC  A 1 7  ? -1.937  3.555  3.698   1.00 54.98  ? 7   DC  A N4    1 
ATOM   142 C  C5    . DC  A 1 7  ? 0.299   3.111  4.398   1.00 47.83  ? 7   DC  A C5    1 
ATOM   143 C  C6    . DC  A 1 7  ? 1.145   2.219  4.909   1.00 47.60  ? 7   DC  A C6    1 
ATOM   144 P  P     . DG  A 1 8  ? 4.199   -3.525 6.670   1.00 65.27  ? 8   DG  A P     1 
ATOM   145 O  OP1   . DG  A 1 8  ? 4.978   -3.669 5.422   1.00 57.81  ? 8   DG  A OP1   1 
ATOM   146 O  OP2   . DG  A 1 8  ? 3.466   -4.681 7.281   1.00 41.30  ? 8   DG  A OP2   1 
ATOM   147 O  "O5'" . DG  A 1 8  ? 5.165   -2.885 7.747   1.00 64.42  ? 8   DG  A "O5'" 1 
ATOM   148 C  "C5'" . DG  A 1 8  ? 4.638   -2.508 8.986   1.00 51.27  ? 8   DG  A "C5'" 1 
ATOM   149 C  "C4'" . DG  A 1 8  ? 5.692   -1.814 9.800   1.00 43.09  ? 8   DG  A "C4'" 1 
ATOM   150 O  "O4'" . DG  A 1 8  ? 6.131   -0.646 9.089   1.00 48.14  ? 8   DG  A "O4'" 1 
ATOM   151 C  "C3'" . DG  A 1 8  ? 5.238   -1.373 11.176  1.00 37.94  ? 8   DG  A "C3'" 1 
ATOM   152 O  "O3'" . DG  A 1 8  ? 5.647   -2.400 12.084  1.00 53.97  ? 8   DG  A "O3'" 1 
ATOM   153 C  "C2'" . DG  A 1 8  ? 5.983   -0.049 11.393  1.00 37.82  ? 8   DG  A "C2'" 1 
ATOM   154 C  "C1'" . DG  A 1 8  ? 6.330   0.429  9.974   1.00 42.75  ? 8   DG  A "C1'" 1 
ATOM   155 N  N9    . DG  A 1 8  ? 5.550   1.550  9.455   1.00 38.41  ? 8   DG  A N9    1 
ATOM   156 C  C8    . DG  A 1 8  ? 6.045   2.732  8.965   1.00 37.73  ? 8   DG  A C8    1 
ATOM   157 N  N7    . DG  A 1 8  ? 5.123   3.534  8.507   1.00 38.24  ? 8   DG  A N7    1 
ATOM   158 C  C5    . DG  A 1 8  ? 3.939   2.826  8.696   1.00 36.66  ? 8   DG  A C5    1 
ATOM   159 C  C6    . DG  A 1 8  ? 2.608   3.189  8.382   1.00 39.93  ? 8   DG  A C6    1 
ATOM   160 O  O6    . DG  A 1 8  ? 2.195   4.254  7.864   1.00 44.55  ? 8   DG  A O6    1 
ATOM   161 N  N1    . DG  A 1 8  ? 1.710   2.176  8.719   1.00 31.52  ? 8   DG  A N1    1 
ATOM   162 C  C2    . DG  A 1 8  ? 2.059   0.976  9.279   1.00 36.16  ? 8   DG  A C2    1 
ATOM   163 N  N2    . DG  A 1 8  ? 1.056   0.124  9.540   1.00 34.33  ? 8   DG  A N2    1 
ATOM   164 N  N3    . DG  A 1 8  ? 3.308   0.629  9.570   1.00 36.49  ? 8   DG  A N3    1 
ATOM   165 C  C4    . DG  A 1 8  ? 4.190   1.598  9.251   1.00 35.02  ? 8   DG  A C4    1 
ATOM   166 P  P     . DC  A 1 9  ? 5.311   -2.386 13.660  1.00 65.83  ? 9   DC  A P     1 
ATOM   167 O  OP1   . DC  A 1 9  ? 5.339   -0.997 14.166  1.00 58.94  ? 9   DC  A OP1   1 
ATOM   168 O  OP2   . DC  A 1 9  ? 6.166   -3.424 14.290  1.00 52.27  ? 9   DC  A OP2   1 
ATOM   169 O  "O5'" . DC  A 1 9  ? 3.802   -2.870 13.773  1.00 52.60  ? 9   DC  A "O5'" 1 
ATOM   170 C  "C5'" . DC  A 1 9  ? 3.165   -2.800 15.052  1.00 54.89  ? 9   DC  A "C5'" 1 
ATOM   171 C  "C4'" . DC  A 1 9  ? 1.872   -2.017 14.980  1.00 48.91  ? 9   DC  A "C4'" 1 
ATOM   172 O  "O4'" . DC  A 1 9  ? 2.144   -0.633 14.684  1.00 38.84  ? 9   DC  A "O4'" 1 
ATOM   173 C  "C3'" . DC  A 1 9  ? 0.890   -2.487 13.897  1.00 46.19  ? 9   DC  A "C3'" 1 
ATOM   174 O  "O3'" . DC  A 1 9  ? -0.312  -2.856 14.477  1.00 41.23  ? 9   DC  A "O3'" 1 
ATOM   175 C  "C2'" . DC  A 1 9  ? 0.692   -1.251 13.019  1.00 42.55  ? 9   DC  A "C2'" 1 
ATOM   176 C  "C1'" . DC  A 1 9  ? 1.047   -0.137 13.972  1.00 28.95  ? 9   DC  A "C1'" 1 
ATOM   177 N  N1    . DC  A 1 9  ? 1.436   1.069  13.290  1.00 29.20  ? 9   DC  A N1    1 
ATOM   178 C  C2    . DC  A 1 9  ? 0.465   1.821  12.648  1.00 37.48  ? 9   DC  A C2    1 
ATOM   179 O  O2    . DC  A 1 9  ? -0.714  1.429  12.689  1.00 40.56  ? 9   DC  A O2    1 
ATOM   180 N  N3    . DC  A 1 9  ? 0.833   2.967  11.994  1.00 33.86  ? 9   DC  A N3    1 
ATOM   181 C  C4    . DC  A 1 9  ? 2.120   3.329  11.987  1.00 37.78  ? 9   DC  A C4    1 
ATOM   182 N  N4    . DC  A 1 9  ? 2.456   4.440  11.346  1.00 33.31  ? 9   DC  A N4    1 
ATOM   183 C  C5    . DC  A 1 9  ? 3.123   2.555  12.642  1.00 37.00  ? 9   DC  A C5    1 
ATOM   184 C  C6    . DC  A 1 9  ? 2.739   1.440  13.271  1.00 33.56  ? 9   DC  A C6    1 
ATOM   185 P  P     . DG  A 1 10 ? -0.482  -4.319 15.081  1.00 59.75  ? 10  DG  A P     1 
ATOM   186 O  OP1   . DG  A 1 10 ? 0.161   -5.247 14.121  1.00 57.04  ? 10  DG  A OP1   1 
ATOM   187 O  OP2   . DG  A 1 10 ? -1.908  -4.435 15.491  1.00 78.41  ? 10  DG  A OP2   1 
ATOM   188 O  "O5'" . DG  A 1 10 ? 0.374   -4.282 16.429  1.00 62.07  ? 10  DG  A "O5'" 1 
ATOM   189 C  "C5'" . DG  A 1 10 ? -0.285  -4.283 17.693  1.00 63.56  ? 10  DG  A "C5'" 1 
ATOM   190 C  "C4'" . DG  A 1 10 ? 0.718   -4.096 18.817  1.00 55.07  ? 10  DG  A "C4'" 1 
ATOM   191 O  "O4'" . DG  A 1 10 ? 1.847   -3.320 18.320  1.00 61.08  ? 10  DG  A "O4'" 1 
ATOM   192 C  "C3'" . DG  A 1 10 ? 0.160   -3.363 20.039  1.00 59.53  ? 10  DG  A "C3'" 1 
ATOM   193 O  "O3'" . DG  A 1 10 ? 0.201   -4.219 21.234  1.00 62.07  ? 10  DG  A "O3'" 1 
ATOM   194 C  "C2'" . DG  A 1 10 ? 1.033   -2.090 20.166  1.00 53.37  ? 10  DG  A "C2'" 1 
ATOM   195 C  "C1'" . DG  A 1 10 ? 2.247   -2.377 19.275  1.00 43.59  ? 10  DG  A "C1'" 1 
ATOM   196 N  N9    . DG  A 1 10 ? 2.820   -1.191 18.585  1.00 43.27  ? 10  DG  A N9    1 
ATOM   197 C  C8    . DG  A 1 10 ? 4.153   -0.929 18.429  1.00 47.02  ? 10  DG  A C8    1 
ATOM   198 N  N7    . DG  A 1 10 ? 4.403   0.188  17.808  1.00 38.90  ? 10  DG  A N7    1 
ATOM   199 C  C5    . DG  A 1 10 ? 3.161   0.710  17.516  1.00 35.17  ? 10  DG  A C5    1 
ATOM   200 C  C6    . DG  A 1 10 ? 2.818   1.913  16.832  1.00 38.78  ? 10  DG  A C6    1 
ATOM   201 O  O6    . DG  A 1 10 ? 3.578   2.763  16.346  1.00 39.48  ? 10  DG  A O6    1 
ATOM   202 N  N1    . DG  A 1 10 ? 1.449   2.083  16.724  1.00 32.82  ? 10  DG  A N1    1 
ATOM   203 C  C2    . DG  A 1 10 ? 0.524   1.211  17.225  1.00 34.17  ? 10  DG  A C2    1 
ATOM   204 N  N2    . DG  A 1 10 ? -0.756  1.551  17.024  1.00 37.36  ? 10  DG  A N2    1 
ATOM   205 N  N3    . DG  A 1 10 ? 0.824   0.076  17.875  1.00 34.81  ? 10  DG  A N3    1 
ATOM   206 C  C4    . DG  A 1 10 ? 2.160   -0.112 17.982  1.00 35.52  ? 10  DG  A C4    1 
HETATM 207 CO CO    . CO  B 2 .  ? -4.368  -4.206 -0.346  0.50 87.35  ? 101 CO  A CO    1 
HETATM 208 CO CO    . CO  C 2 .  ? 7.297   2.262  17.458  0.47 84.09  ? 102 CO  A CO    1 
HETATM 209 CO CO    . CO  D 2 .  ? 9.374   -1.925 3.193   1.00 120.24 ? 103 CO  A CO    1 
# 
